data_4BDO
#
_entry.id   4BDO
#
_cell.length_a   85.838
_cell.length_b   99.819
_cell.length_c   124.986
_cell.angle_alpha   90.00
_cell.angle_beta   90.00
_cell.angle_gamma   90.00
#
_symmetry.space_group_name_H-M   'P 21 21 21'
#
loop_
_entity.id
_entity.type
_entity.pdbx_description
1 polymer 'GLUTAMATE RECEPTOR, IONOTROPIC KAINATE 2'
2 non-polymer 3-(CARBOXYMETHYL)-4-ISOPROPENYLPROLINE
3 non-polymer 'SODIUM ION'
4 non-polymer 'GLUTAMIC ACID'
5 water water
#
_entity_poly.entity_id   1
_entity_poly.type   'polypeptide(L)'
_entity_poly.pdbx_seq_one_letter_code
;GSNRSLIVTTILEEPYVLFKKSDKPLYGNDRFEGYCIDLLRELSTILGFTYEIRLVEDGKYGAQDDVNGQWNGMVRELID
HKADLAVAPLAITYVREKVIDFSAPFMTLGISILYRKGTPIDSADDLAKQTKIEYGAVEDGATMTFFKKSKISTYDKMWA
FMSSRRQSVLVKSNEEGIQRVLTSDYAFLMESTTIEFVTQRNCNLTQIGGLIDSKGYGVGTPMGSPYRDKIGIAILQLQE
EGKLHMMKEKWWRGNGCPEPR
;
_entity_poly.pdbx_strand_id   A,B,C,D
#
loop_
_chem_comp.id
_chem_comp.type
_chem_comp.name
_chem_comp.formula
KAI non-polymer 3-(CARBOXYMETHYL)-4-ISOPROPENYLPROLINE 'C10 H15 N O4'
NA non-polymer 'SODIUM ION' 'Na 1'
#
# COMPACT_ATOMS: atom_id res chain seq x y z
N ARG A 4 8.45 -9.40 -20.76
CA ARG A 4 7.22 -9.89 -21.38
C ARG A 4 5.97 -9.69 -20.52
N SER A 5 5.09 -8.81 -20.99
CA SER A 5 3.73 -8.69 -20.50
C SER A 5 3.13 -10.08 -20.24
N LEU A 6 2.48 -10.23 -19.08
CA LEU A 6 1.83 -11.49 -18.72
C LEU A 6 0.40 -11.48 -19.24
N ILE A 7 -0.08 -12.65 -19.64
CA ILE A 7 -1.48 -12.82 -20.01
C ILE A 7 -2.29 -13.29 -18.82
N VAL A 8 -3.31 -12.51 -18.49
CA VAL A 8 -4.14 -12.76 -17.33
C VAL A 8 -5.56 -13.14 -17.74
N THR A 9 -5.97 -14.35 -17.36
CA THR A 9 -7.31 -14.82 -17.65
C THR A 9 -8.25 -14.48 -16.49
N THR A 10 -9.48 -14.09 -16.82
CA THR A 10 -10.46 -13.74 -15.81
C THR A 10 -11.86 -13.93 -16.39
N ILE A 11 -12.86 -13.53 -15.63
CA ILE A 11 -14.24 -13.72 -16.05
C ILE A 11 -15.11 -12.65 -15.40
N LEU A 12 -16.16 -12.23 -16.10
CA LEU A 12 -17.04 -11.19 -15.55
C LEU A 12 -17.84 -11.74 -14.37
N GLU A 13 -17.75 -11.05 -13.24
CA GLU A 13 -18.49 -11.41 -12.04
C GLU A 13 -18.46 -10.24 -11.06
N GLU A 14 -19.61 -9.61 -10.83
CA GLU A 14 -19.68 -8.48 -9.91
C GLU A 14 -19.47 -8.93 -8.48
N PRO A 15 -18.73 -8.13 -7.68
CA PRO A 15 -17.97 -6.93 -8.05
C PRO A 15 -16.49 -7.21 -8.27
N TYR A 16 -16.13 -8.45 -8.60
CA TYR A 16 -14.73 -8.77 -8.86
C TYR A 16 -14.22 -8.22 -10.18
N VAL A 17 -15.00 -8.42 -11.24
CA VAL A 17 -14.64 -7.94 -12.57
C VAL A 17 -15.92 -7.57 -13.29
N LEU A 18 -15.97 -6.35 -13.82
CA LEU A 18 -17.12 -5.88 -14.58
C LEU A 18 -16.67 -4.94 -15.69
N PHE A 19 -17.54 -4.76 -16.68
CA PHE A 19 -17.28 -3.76 -17.71
C PHE A 19 -17.53 -2.35 -17.17
N LYS A 20 -16.53 -1.49 -17.30
CA LYS A 20 -16.59 -0.09 -16.89
C LYS A 20 -17.64 0.68 -17.71
N LYS A 21 -18.44 1.50 -17.04
CA LYS A 21 -19.48 2.27 -17.73
C LYS A 21 -18.91 3.50 -18.42
N LEU A 26 -14.00 1.82 -24.73
CA LEU A 26 -12.71 1.54 -24.11
C LEU A 26 -12.02 0.33 -24.73
N TYR A 27 -10.71 0.26 -24.57
CA TYR A 27 -9.92 -0.77 -25.23
C TYR A 27 -9.05 -1.47 -24.20
N GLY A 28 -8.72 -2.73 -24.45
CA GLY A 28 -7.85 -3.47 -23.57
C GLY A 28 -8.25 -3.43 -22.10
N ASN A 29 -7.24 -3.27 -21.25
CA ASN A 29 -7.46 -3.34 -19.81
C ASN A 29 -8.41 -2.28 -19.30
N ASP A 30 -8.54 -1.19 -20.05
CA ASP A 30 -9.39 -0.07 -19.66
C ASP A 30 -10.87 -0.49 -19.60
N ARG A 31 -11.21 -1.61 -20.24
CA ARG A 31 -12.62 -2.02 -20.28
C ARG A 31 -13.14 -2.45 -18.92
N PHE A 32 -12.22 -2.84 -18.04
CA PHE A 32 -12.55 -3.57 -16.82
C PHE A 32 -12.31 -2.79 -15.52
N GLU A 33 -13.12 -3.09 -14.52
CA GLU A 33 -12.90 -2.58 -13.18
C GLU A 33 -13.43 -3.61 -12.19
N GLY A 34 -13.16 -3.41 -10.90
CA GLY A 34 -13.65 -4.31 -9.88
C GLY A 34 -12.56 -4.67 -8.88
N TYR A 35 -12.93 -5.41 -7.85
CA TYR A 35 -11.99 -5.83 -6.81
C TYR A 35 -10.77 -6.55 -7.41
N CYS A 36 -11.01 -7.47 -8.34
CA CYS A 36 -9.91 -8.26 -8.92
C CYS A 36 -9.03 -7.46 -9.86
N ILE A 37 -9.60 -6.43 -10.47
CA ILE A 37 -8.83 -5.53 -11.31
C ILE A 37 -7.94 -4.63 -10.45
N ASP A 38 -8.49 -4.15 -9.34
CA ASP A 38 -7.68 -3.46 -8.35
C ASP A 38 -6.54 -4.33 -7.84
N LEU A 39 -6.84 -5.58 -7.54
CA LEU A 39 -5.88 -6.54 -7.03
C LEU A 39 -4.75 -6.76 -8.04
N LEU A 40 -5.17 -6.96 -9.28
CA LEU A 40 -4.26 -7.18 -10.39
C LEU A 40 -3.35 -5.95 -10.50
N ARG A 41 -3.91 -4.77 -10.35
CA ARG A 41 -3.11 -3.54 -10.41
C ARG A 41 -2.06 -3.52 -9.28
N GLU A 42 -2.47 -3.91 -8.07
CA GLU A 42 -1.52 -3.95 -6.95
C GLU A 42 -0.40 -4.97 -7.13
N LEU A 43 -0.76 -6.13 -7.69
CA LEU A 43 0.20 -7.17 -7.93
C LEU A 43 1.18 -6.69 -8.98
N SER A 44 0.64 -6.06 -10.02
CA SER A 44 1.46 -5.52 -11.10
C SER A 44 2.48 -4.51 -10.57
N THR A 45 2.06 -3.68 -9.63
CA THR A 45 2.97 -2.68 -9.07
C THR A 45 4.05 -3.29 -8.18
N ILE A 46 3.64 -4.22 -7.32
CA ILE A 46 4.57 -4.90 -6.43
C ILE A 46 5.59 -5.80 -7.13
N LEU A 47 5.15 -6.55 -8.13
CA LEU A 47 6.00 -7.55 -8.76
C LEU A 47 6.67 -7.03 -10.02
N GLY A 48 6.23 -5.88 -10.50
CA GLY A 48 6.90 -5.25 -11.61
C GLY A 48 6.64 -5.97 -12.92
N PHE A 49 5.39 -6.01 -13.35
CA PHE A 49 5.06 -6.64 -14.63
C PHE A 49 3.92 -5.92 -15.32
N THR A 50 3.87 -6.04 -16.64
CA THR A 50 2.72 -5.56 -17.39
C THR A 50 1.89 -6.76 -17.80
N TYR A 51 0.69 -6.50 -18.30
CA TYR A 51 -0.23 -7.60 -18.56
C TYR A 51 -1.31 -7.20 -19.54
N GLU A 52 -1.93 -8.22 -20.13
CA GLU A 52 -3.13 -8.05 -20.93
C GLU A 52 -4.23 -8.93 -20.32
N ILE A 53 -5.35 -8.33 -19.98
CA ILE A 53 -6.48 -9.09 -19.44
C ILE A 53 -7.30 -9.71 -20.58
N ARG A 54 -7.60 -11.01 -20.44
CA ARG A 54 -8.46 -11.71 -21.39
C ARG A 54 -9.55 -12.52 -20.68
N LEU A 55 -10.78 -12.35 -21.13
CA LEU A 55 -11.90 -13.12 -20.60
C LEU A 55 -11.85 -14.54 -21.14
N VAL A 56 -11.96 -15.52 -20.26
CA VAL A 56 -11.93 -16.93 -20.65
C VAL A 56 -12.96 -17.22 -21.74
N GLU A 57 -12.50 -17.80 -22.86
CA GLU A 57 -13.36 -18.00 -24.02
C GLU A 57 -14.65 -18.77 -23.71
N ASP A 58 -14.52 -19.89 -23.01
CA ASP A 58 -15.68 -20.74 -22.73
C ASP A 58 -16.53 -20.24 -21.56
N GLY A 59 -16.11 -19.13 -20.97
CA GLY A 59 -16.85 -18.54 -19.86
C GLY A 59 -17.02 -19.40 -18.64
N LYS A 60 -16.08 -20.31 -18.41
CA LYS A 60 -16.12 -21.17 -17.23
C LYS A 60 -14.94 -21.00 -16.28
N TYR A 61 -15.12 -21.45 -15.04
CA TYR A 61 -14.08 -21.35 -14.02
C TYR A 61 -13.08 -22.49 -14.15
N GLY A 62 -13.59 -23.73 -14.12
CA GLY A 62 -12.73 -24.88 -14.23
C GLY A 62 -13.23 -26.15 -13.56
N ALA A 63 -13.74 -27.07 -14.37
CA ALA A 63 -14.20 -28.35 -13.88
C ALA A 63 -13.67 -29.44 -14.78
N GLN A 64 -13.61 -30.67 -14.27
CA GLN A 64 -13.12 -31.77 -15.08
C GLN A 64 -14.37 -32.47 -15.62
N ASP A 65 -14.37 -32.75 -16.91
CA ASP A 65 -15.46 -33.50 -17.51
C ASP A 65 -15.49 -34.94 -17.01
N GLN A 70 -10.83 -34.20 -18.94
CA GLN A 70 -10.68 -32.92 -19.64
C GLN A 70 -11.16 -31.75 -18.79
N TRP A 71 -10.30 -30.74 -18.68
CA TRP A 71 -10.65 -29.55 -17.92
C TRP A 71 -11.16 -28.46 -18.84
N ASN A 72 -11.92 -27.55 -18.27
CA ASN A 72 -12.36 -26.37 -18.99
C ASN A 72 -12.04 -25.07 -18.27
N GLY A 73 -12.55 -23.97 -18.80
CA GLY A 73 -12.50 -22.68 -18.14
C GLY A 73 -11.09 -22.16 -17.92
N MET A 74 -10.96 -21.30 -16.92
CA MET A 74 -9.68 -20.68 -16.61
C MET A 74 -8.63 -21.69 -16.16
N VAL A 75 -9.06 -22.75 -15.48
CA VAL A 75 -8.12 -23.76 -15.05
C VAL A 75 -7.47 -24.39 -16.27
N ARG A 76 -8.29 -24.68 -17.28
CA ARG A 76 -7.81 -25.27 -18.51
C ARG A 76 -6.88 -24.29 -19.21
N GLU A 77 -7.24 -23.01 -19.17
CA GLU A 77 -6.38 -21.98 -19.75
C GLU A 77 -4.99 -21.98 -19.12
N LEU A 78 -4.95 -22.14 -17.81
CA LEU A 78 -3.69 -22.21 -17.07
C LEU A 78 -2.89 -23.48 -17.37
N ILE A 79 -3.59 -24.61 -17.38
CA ILE A 79 -2.96 -25.90 -17.64
C ILE A 79 -2.21 -25.88 -18.96
N ASP A 80 -2.84 -25.32 -19.99
CA ASP A 80 -2.27 -25.32 -21.33
C ASP A 80 -1.30 -24.16 -21.57
N HIS A 81 -1.05 -23.36 -20.55
CA HIS A 81 -0.13 -22.24 -20.68
C HIS A 81 -0.63 -21.22 -21.70
N LYS A 82 -1.95 -21.06 -21.77
CA LYS A 82 -2.53 -20.04 -22.64
C LYS A 82 -2.66 -18.75 -21.83
N ALA A 83 -2.41 -18.87 -20.54
CA ALA A 83 -2.40 -17.72 -19.64
C ALA A 83 -1.36 -17.92 -18.55
N ASP A 84 -0.83 -16.82 -18.01
CA ASP A 84 0.18 -16.88 -16.97
C ASP A 84 -0.48 -16.86 -15.60
N LEU A 85 -1.58 -16.12 -15.50
CA LEU A 85 -2.30 -15.96 -14.25
C LEU A 85 -3.79 -15.97 -14.48
N ALA A 86 -4.51 -16.49 -13.48
CA ALA A 86 -5.95 -16.34 -13.42
C ALA A 86 -6.27 -15.47 -12.21
N VAL A 87 -6.94 -14.34 -12.45
CA VAL A 87 -7.30 -13.46 -11.36
C VAL A 87 -8.81 -13.26 -11.41
N ALA A 88 -9.50 -13.89 -10.45
CA ALA A 88 -10.95 -14.01 -10.48
C ALA A 88 -11.38 -14.58 -9.15
N PRO A 89 -12.70 -14.63 -8.90
CA PRO A 89 -13.19 -15.30 -7.69
C PRO A 89 -13.16 -16.83 -7.86
N LEU A 90 -11.95 -17.38 -8.01
CA LEU A 90 -11.75 -18.79 -8.33
C LEU A 90 -11.44 -19.52 -7.02
N ALA A 91 -12.36 -20.40 -6.59
CA ALA A 91 -12.17 -21.09 -5.33
C ALA A 91 -10.97 -22.02 -5.36
N ILE A 92 -10.18 -22.01 -4.30
CA ILE A 92 -9.08 -22.93 -4.12
C ILE A 92 -9.64 -24.26 -3.65
N THR A 93 -9.53 -25.29 -4.49
CA THR A 93 -10.08 -26.59 -4.14
C THR A 93 -9.06 -27.70 -4.35
N TYR A 94 -9.29 -28.83 -3.68
CA TYR A 94 -8.44 -30.00 -3.79
C TYR A 94 -8.23 -30.40 -5.24
N VAL A 95 -9.35 -30.57 -5.93
CA VAL A 95 -9.30 -31.02 -7.30
C VAL A 95 -8.61 -30.00 -8.23
N ARG A 96 -8.79 -28.70 -8.00
CA ARG A 96 -8.09 -27.75 -8.85
C ARG A 96 -6.60 -27.69 -8.50
N GLU A 97 -6.29 -27.78 -7.21
CA GLU A 97 -4.89 -27.74 -6.77
C GLU A 97 -4.08 -28.92 -7.29
N LYS A 98 -4.74 -30.03 -7.63
CA LYS A 98 -3.95 -31.15 -8.14
C LYS A 98 -3.44 -30.87 -9.56
N VAL A 99 -3.97 -29.84 -10.22
CA VAL A 99 -3.64 -29.58 -11.62
C VAL A 99 -3.05 -28.18 -11.87
N ILE A 100 -3.36 -27.21 -11.01
CA ILE A 100 -2.69 -25.91 -11.10
C ILE A 100 -2.19 -25.51 -9.72
N ASP A 101 -1.42 -24.43 -9.65
CA ASP A 101 -1.01 -23.87 -8.37
C ASP A 101 -1.78 -22.61 -7.98
N PHE A 102 -2.30 -22.57 -6.76
CA PHE A 102 -2.98 -21.38 -6.28
C PHE A 102 -2.01 -20.62 -5.39
N SER A 103 -2.07 -19.30 -5.47
CA SER A 103 -1.39 -18.45 -4.50
C SER A 103 -2.06 -18.60 -3.16
N ALA A 104 -1.44 -18.05 -2.12
CA ALA A 104 -2.12 -17.87 -0.85
C ALA A 104 -3.42 -17.12 -1.14
N PRO A 105 -4.48 -17.40 -0.36
CA PRO A 105 -5.79 -16.80 -0.63
C PRO A 105 -5.79 -15.29 -0.34
N PHE A 106 -6.48 -14.52 -1.19
CA PHE A 106 -6.71 -13.11 -0.94
C PHE A 106 -8.07 -12.84 -0.31
N MET A 107 -8.88 -13.90 -0.18
CA MET A 107 -10.19 -13.78 0.43
C MET A 107 -10.64 -15.13 0.99
N THR A 108 -11.31 -15.10 2.14
CA THR A 108 -11.80 -16.33 2.76
C THR A 108 -13.32 -16.28 2.86
N LEU A 109 -13.93 -17.44 2.71
CA LEU A 109 -15.37 -17.53 2.53
C LEU A 109 -15.83 -18.95 2.79
N GLY A 110 -17.09 -19.22 2.48
CA GLY A 110 -17.66 -20.53 2.66
C GLY A 110 -18.98 -20.64 1.91
N ILE A 111 -19.39 -21.87 1.61
CA ILE A 111 -20.71 -22.08 1.04
C ILE A 111 -21.73 -21.71 2.12
N SER A 112 -22.78 -20.99 1.72
CA SER A 112 -23.91 -20.76 2.59
C SER A 112 -25.20 -20.69 1.78
N ILE A 113 -26.29 -20.24 2.40
CA ILE A 113 -27.59 -20.30 1.75
C ILE A 113 -28.17 -18.89 1.56
N LEU A 114 -28.60 -18.60 0.35
CA LEU A 114 -29.31 -17.35 0.04
C LEU A 114 -30.78 -17.68 -0.07
N TYR A 115 -31.60 -17.00 0.73
CA TYR A 115 -33.04 -17.24 0.66
C TYR A 115 -33.78 -15.94 1.03
N ARG A 116 -35.11 -15.96 1.01
CA ARG A 116 -35.89 -14.79 1.40
C ARG A 116 -36.01 -14.73 2.92
N LYS A 117 -36.29 -13.56 3.45
CA LYS A 117 -36.42 -13.38 4.90
C LYS A 117 -37.76 -13.88 5.44
N GLY A 118 -37.82 -14.12 6.75
CA GLY A 118 -39.13 -14.35 7.36
C GLY A 118 -39.65 -15.78 7.29
N THR A 119 -38.80 -16.73 6.91
CA THR A 119 -39.24 -18.12 6.87
C THR A 119 -38.72 -18.90 8.07
N PRO A 120 -39.23 -20.12 8.28
CA PRO A 120 -38.75 -21.01 9.35
C PRO A 120 -37.41 -21.65 9.03
N ILE A 121 -36.92 -21.50 7.81
CA ILE A 121 -35.65 -22.12 7.43
C ILE A 121 -34.45 -21.47 8.12
N ASP A 122 -33.69 -22.28 8.87
CA ASP A 122 -32.61 -21.75 9.69
C ASP A 122 -31.26 -22.40 9.43
N SER A 123 -31.25 -23.46 8.61
CA SER A 123 -30.02 -24.23 8.39
C SER A 123 -30.15 -25.06 7.12
N ALA A 124 -29.01 -25.60 6.65
CA ALA A 124 -29.00 -26.53 5.53
C ALA A 124 -29.84 -27.79 5.81
N ASP A 125 -29.76 -28.27 7.05
CA ASP A 125 -30.50 -29.45 7.45
C ASP A 125 -32.00 -29.22 7.35
N ASP A 126 -32.41 -27.99 7.63
CA ASP A 126 -33.81 -27.61 7.47
C ASP A 126 -34.27 -27.78 6.02
N LEU A 127 -33.38 -27.50 5.07
CA LEU A 127 -33.73 -27.67 3.66
C LEU A 127 -33.72 -29.14 3.26
N ALA A 128 -32.70 -29.86 3.71
CA ALA A 128 -32.52 -31.25 3.32
C ALA A 128 -33.71 -32.12 3.73
N LYS A 129 -34.32 -31.79 4.87
CA LYS A 129 -35.37 -32.60 5.47
C LYS A 129 -36.78 -32.27 4.94
N GLN A 130 -36.85 -31.46 3.88
CA GLN A 130 -38.13 -31.12 3.27
C GLN A 130 -38.00 -31.09 1.74
N THR A 131 -39.12 -30.93 1.04
CA THR A 131 -39.09 -30.87 -0.42
C THR A 131 -39.90 -29.74 -1.03
N LYS A 132 -40.70 -29.05 -0.21
CA LYS A 132 -41.51 -27.96 -0.72
C LYS A 132 -40.65 -26.83 -1.29
N ILE A 133 -39.70 -26.36 -0.49
CA ILE A 133 -38.71 -25.40 -0.95
C ILE A 133 -37.59 -26.09 -1.73
N GLU A 134 -37.48 -25.76 -3.02
CA GLU A 134 -36.41 -26.34 -3.84
C GLU A 134 -35.12 -25.60 -3.52
N TYR A 135 -33.99 -26.17 -3.89
CA TYR A 135 -32.70 -25.53 -3.67
C TYR A 135 -31.68 -26.04 -4.66
N GLY A 136 -30.65 -25.25 -4.93
CA GLY A 136 -29.64 -25.65 -5.90
C GLY A 136 -28.39 -24.80 -5.91
N ALA A 137 -27.62 -24.88 -6.99
CA ALA A 137 -26.31 -24.24 -7.04
C ALA A 137 -25.91 -24.04 -8.50
N VAL A 138 -24.83 -23.30 -8.73
CA VAL A 138 -24.29 -23.20 -10.08
C VAL A 138 -23.76 -24.58 -10.48
N GLU A 139 -24.18 -25.05 -11.66
CA GLU A 139 -23.74 -26.35 -12.14
C GLU A 139 -22.23 -26.42 -12.34
N ASP A 140 -21.60 -27.45 -11.78
CA ASP A 140 -20.19 -27.76 -12.05
C ASP A 140 -19.22 -26.77 -11.42
N GLY A 141 -19.73 -25.89 -10.56
CA GLY A 141 -18.88 -24.95 -9.85
C GLY A 141 -18.37 -25.61 -8.59
N ALA A 142 -17.56 -24.90 -7.82
CA ALA A 142 -16.98 -25.46 -6.61
C ALA A 142 -18.02 -25.86 -5.58
N THR A 143 -19.13 -25.14 -5.52
CA THR A 143 -20.18 -25.42 -4.53
C THR A 143 -20.84 -26.77 -4.83
N MET A 144 -21.28 -26.93 -6.08
CA MET A 144 -21.91 -28.17 -6.49
C MET A 144 -20.96 -29.32 -6.31
N THR A 145 -19.70 -29.09 -6.65
CA THR A 145 -18.71 -30.13 -6.57
C THR A 145 -18.51 -30.51 -5.12
N PHE A 146 -18.56 -29.52 -4.25
CA PHE A 146 -18.51 -29.80 -2.83
C PHE A 146 -19.59 -30.80 -2.43
N PHE A 147 -20.84 -30.48 -2.77
CA PHE A 147 -21.93 -31.39 -2.44
C PHE A 147 -21.86 -32.76 -3.10
N LYS A 148 -21.45 -32.80 -4.36
CA LYS A 148 -21.37 -34.05 -5.10
C LYS A 148 -20.38 -35.02 -4.47
N LYS A 149 -19.32 -34.46 -3.89
CA LYS A 149 -18.25 -35.26 -3.32
C LYS A 149 -18.37 -35.45 -1.81
N SER A 150 -19.44 -34.95 -1.21
CA SER A 150 -19.52 -34.94 0.25
C SER A 150 -20.02 -36.26 0.81
N LYS A 151 -19.40 -36.70 1.91
CA LYS A 151 -19.83 -37.91 2.60
C LYS A 151 -20.64 -37.53 3.85
N ILE A 152 -20.70 -36.24 4.15
CA ILE A 152 -21.50 -35.75 5.27
C ILE A 152 -22.97 -36.00 4.99
N SER A 153 -23.67 -36.61 5.95
CA SER A 153 -25.05 -37.03 5.75
C SER A 153 -25.97 -35.95 5.17
N THR A 154 -25.99 -34.77 5.79
CA THR A 154 -26.89 -33.71 5.34
C THR A 154 -26.60 -33.31 3.89
N TYR A 155 -25.32 -33.18 3.60
CA TYR A 155 -24.87 -32.70 2.32
C TYR A 155 -25.04 -33.79 1.27
N ASP A 156 -24.82 -35.03 1.69
CA ASP A 156 -25.09 -36.18 0.83
C ASP A 156 -26.57 -36.20 0.44
N LYS A 157 -27.46 -35.92 1.40
CA LYS A 157 -28.90 -35.89 1.11
C LYS A 157 -29.26 -34.75 0.17
N MET A 158 -28.67 -33.58 0.40
CA MET A 158 -28.94 -32.43 -0.47
C MET A 158 -28.46 -32.72 -1.89
N TRP A 159 -27.30 -33.36 -1.99
CA TRP A 159 -26.77 -33.76 -3.29
C TRP A 159 -27.69 -34.78 -3.97
N ALA A 160 -28.23 -35.70 -3.18
CA ALA A 160 -29.19 -36.68 -3.68
C ALA A 160 -30.35 -35.93 -4.31
N PHE A 161 -30.82 -34.91 -3.60
CA PHE A 161 -31.92 -34.08 -4.08
C PHE A 161 -31.56 -33.41 -5.41
N MET A 162 -30.41 -32.75 -5.42
CA MET A 162 -29.92 -31.95 -6.54
C MET A 162 -29.59 -32.73 -7.82
N SER A 163 -28.93 -33.87 -7.69
CA SER A 163 -28.51 -34.62 -8.87
C SER A 163 -29.72 -35.17 -9.64
N SER A 164 -30.74 -35.62 -8.94
CA SER A 164 -31.93 -36.09 -9.63
C SER A 164 -32.72 -34.96 -10.28
N ARG A 165 -32.53 -33.74 -9.79
CA ARG A 165 -33.21 -32.57 -10.35
C ARG A 165 -32.22 -31.62 -11.04
N ARG A 166 -31.10 -32.15 -11.50
CA ARG A 166 -30.05 -31.33 -12.12
C ARG A 166 -30.54 -30.24 -13.05
N GLN A 167 -31.49 -30.58 -13.91
CA GLN A 167 -31.98 -29.69 -14.95
C GLN A 167 -32.84 -28.54 -14.40
N SER A 168 -33.43 -28.74 -13.23
CA SER A 168 -34.39 -27.78 -12.69
C SER A 168 -33.90 -27.00 -11.47
N VAL A 169 -32.92 -27.50 -10.75
CA VAL A 169 -32.47 -26.80 -9.55
C VAL A 169 -31.04 -26.28 -9.67
N LEU A 170 -30.32 -26.70 -10.70
CA LEU A 170 -28.97 -26.20 -10.93
C LEU A 170 -29.04 -25.07 -11.94
N VAL A 171 -28.20 -24.06 -11.76
CA VAL A 171 -28.27 -22.87 -12.59
C VAL A 171 -26.93 -22.65 -13.28
N LYS A 172 -26.89 -21.72 -14.25
CA LYS A 172 -25.66 -21.47 -15.00
C LYS A 172 -24.81 -20.33 -14.46
N SER A 173 -25.36 -19.55 -13.53
CA SER A 173 -24.64 -18.40 -12.98
C SER A 173 -25.24 -17.96 -11.65
N ASN A 174 -24.49 -17.18 -10.88
CA ASN A 174 -25.03 -16.63 -9.64
C ASN A 174 -26.27 -15.80 -9.91
N GLU A 175 -26.26 -15.05 -11.00
CA GLU A 175 -27.37 -14.17 -11.35
C GLU A 175 -28.69 -14.93 -11.56
N GLU A 176 -28.60 -16.00 -12.33
CA GLU A 176 -29.74 -16.86 -12.60
C GLU A 176 -30.25 -17.44 -11.29
N GLY A 177 -29.34 -17.82 -10.40
CA GLY A 177 -29.72 -18.31 -9.10
C GLY A 177 -30.44 -17.27 -8.25
N ILE A 178 -29.91 -16.04 -8.22
CA ILE A 178 -30.57 -14.97 -7.48
C ILE A 178 -31.97 -14.67 -7.98
N GLN A 179 -32.15 -14.68 -9.30
CA GLN A 179 -33.48 -14.43 -9.85
C GLN A 179 -34.37 -15.62 -9.51
N ARG A 180 -33.77 -16.80 -9.45
CA ARG A 180 -34.51 -17.99 -9.06
C ARG A 180 -35.07 -17.81 -7.65
N VAL A 181 -34.23 -17.36 -6.73
CA VAL A 181 -34.65 -17.12 -5.35
C VAL A 181 -35.80 -16.12 -5.27
N LEU A 182 -35.73 -15.09 -6.11
CA LEU A 182 -36.71 -13.97 -6.13
C LEU A 182 -38.06 -14.32 -6.76
N THR A 183 -38.11 -15.34 -7.59
CA THR A 183 -39.27 -15.57 -8.46
C THR A 183 -39.92 -16.93 -8.20
N SER A 184 -39.38 -17.67 -7.24
CA SER A 184 -39.95 -18.96 -6.88
C SER A 184 -39.58 -19.32 -5.45
N ASP A 185 -40.09 -20.44 -4.97
CA ASP A 185 -39.78 -20.91 -3.64
C ASP A 185 -38.50 -21.72 -3.71
N TYR A 186 -37.37 -21.02 -3.63
CA TYR A 186 -36.09 -21.62 -3.95
C TYR A 186 -34.99 -21.01 -3.10
N ALA A 187 -34.09 -21.87 -2.63
CA ALA A 187 -32.92 -21.47 -1.89
C ALA A 187 -31.69 -21.78 -2.72
N PHE A 188 -30.79 -20.80 -2.75
CA PHE A 188 -29.61 -20.91 -3.58
C PHE A 188 -28.39 -21.13 -2.69
N LEU A 189 -27.65 -22.20 -2.95
CA LEU A 189 -26.40 -22.51 -2.26
C LEU A 189 -25.34 -21.69 -2.97
N MET A 190 -24.66 -20.81 -2.25
CA MET A 190 -23.79 -19.85 -2.91
C MET A 190 -22.66 -19.39 -2.01
N GLU A 191 -21.68 -18.69 -2.58
CA GLU A 191 -20.48 -18.35 -1.83
C GLU A 191 -20.77 -17.16 -0.92
N SER A 192 -20.29 -17.23 0.31
CA SER A 192 -20.68 -16.24 1.31
C SER A 192 -20.34 -14.80 0.94
N THR A 193 -19.26 -14.60 0.20
CA THR A 193 -18.88 -13.27 -0.25
C THR A 193 -19.91 -12.70 -1.23
N THR A 194 -20.37 -13.54 -2.14
CA THR A 194 -21.38 -13.10 -3.10
C THR A 194 -22.73 -12.90 -2.41
N ILE A 195 -23.10 -13.81 -1.52
CA ILE A 195 -24.28 -13.59 -0.70
C ILE A 195 -24.22 -12.22 -0.02
N GLU A 196 -23.07 -11.91 0.57
CA GLU A 196 -22.89 -10.63 1.25
C GLU A 196 -23.06 -9.46 0.30
N PHE A 197 -22.51 -9.59 -0.91
CA PHE A 197 -22.66 -8.53 -1.90
C PHE A 197 -24.14 -8.31 -2.24
N VAL A 198 -24.85 -9.42 -2.41
CA VAL A 198 -26.25 -9.41 -2.82
C VAL A 198 -27.23 -8.89 -1.76
N THR A 199 -27.08 -9.34 -0.52
CA THR A 199 -28.01 -8.93 0.55
C THR A 199 -27.90 -7.46 0.89
N GLN A 200 -26.94 -6.78 0.29
CA GLN A 200 -26.78 -5.35 0.48
C GLN A 200 -27.58 -4.57 -0.55
N ARG A 201 -28.03 -5.25 -1.60
CA ARG A 201 -28.72 -4.56 -2.69
C ARG A 201 -30.15 -5.04 -2.84
N ASN A 202 -30.46 -6.18 -2.25
CA ASN A 202 -31.83 -6.66 -2.19
C ASN A 202 -32.11 -6.90 -0.72
N CYS A 203 -32.80 -5.96 -0.09
CA CYS A 203 -33.01 -6.01 1.36
C CYS A 203 -34.01 -7.08 1.80
N ASN A 204 -34.71 -7.64 0.82
CA ASN A 204 -35.65 -8.74 1.06
C ASN A 204 -34.95 -10.10 1.07
N LEU A 205 -33.66 -10.13 0.74
CA LEU A 205 -32.94 -11.40 0.72
C LEU A 205 -32.02 -11.48 1.94
N THR A 206 -31.65 -12.70 2.30
CA THR A 206 -30.80 -12.92 3.45
C THR A 206 -29.99 -14.22 3.37
N GLN A 207 -28.92 -14.27 4.17
CA GLN A 207 -28.20 -15.52 4.39
C GLN A 207 -28.91 -16.37 5.45
N ILE A 208 -29.06 -17.66 5.19
CA ILE A 208 -29.69 -18.57 6.11
C ILE A 208 -28.59 -19.40 6.77
N GLY A 209 -28.50 -19.35 8.10
CA GLY A 209 -27.51 -20.17 8.78
C GLY A 209 -26.13 -19.56 8.67
N GLY A 210 -25.11 -20.36 8.93
CA GLY A 210 -23.74 -19.87 8.86
C GLY A 210 -23.01 -20.44 7.65
N LEU A 211 -21.69 -20.45 7.70
CA LEU A 211 -20.89 -21.08 6.64
C LEU A 211 -20.89 -22.61 6.74
N ILE A 212 -21.05 -23.28 5.60
CA ILE A 212 -21.10 -24.74 5.55
C ILE A 212 -19.72 -25.38 5.39
N ASP A 213 -18.78 -24.63 4.82
CA ASP A 213 -17.39 -25.09 4.76
C ASP A 213 -16.49 -23.86 4.82
N SER A 214 -15.22 -24.05 4.51
CA SER A 214 -14.31 -22.93 4.48
C SER A 214 -13.36 -23.07 3.31
N LYS A 215 -13.20 -21.98 2.57
CA LYS A 215 -12.26 -21.92 1.47
C LYS A 215 -11.81 -20.49 1.18
N GLY A 216 -10.79 -20.38 0.35
CA GLY A 216 -10.28 -19.10 -0.09
C GLY A 216 -10.35 -18.95 -1.60
N TYR A 217 -10.21 -17.71 -2.06
CA TYR A 217 -9.97 -17.46 -3.48
C TYR A 217 -8.49 -17.17 -3.56
N GLY A 218 -7.86 -17.68 -4.60
CA GLY A 218 -6.45 -17.42 -4.82
C GLY A 218 -6.20 -17.10 -6.28
N VAL A 219 -5.06 -16.50 -6.55
CA VAL A 219 -4.60 -16.30 -7.91
C VAL A 219 -4.10 -17.63 -8.45
N GLY A 220 -4.57 -18.02 -9.63
CA GLY A 220 -4.12 -19.27 -10.22
C GLY A 220 -2.93 -19.07 -11.14
N THR A 221 -2.04 -20.05 -11.11
CA THR A 221 -0.90 -20.09 -12.03
C THR A 221 -0.78 -21.54 -12.50
N PRO A 222 -0.15 -21.75 -13.65
CA PRO A 222 0.12 -23.11 -14.15
C PRO A 222 0.97 -23.86 -13.15
N MET A 223 0.74 -25.17 -13.03
CA MET A 223 1.51 -25.94 -12.08
C MET A 223 2.98 -25.71 -12.38
N GLY A 224 3.79 -25.61 -11.33
CA GLY A 224 5.23 -25.43 -11.49
C GLY A 224 5.69 -24.01 -11.83
N SER A 225 4.77 -23.08 -12.03
CA SER A 225 5.15 -21.69 -12.33
C SER A 225 5.94 -21.00 -11.23
N PRO A 226 7.04 -20.32 -11.62
CA PRO A 226 7.89 -19.53 -10.72
C PRO A 226 7.21 -18.26 -10.19
N TYR A 227 5.99 -17.98 -10.64
CA TYR A 227 5.26 -16.79 -10.20
C TYR A 227 4.42 -17.07 -8.96
N ARG A 228 4.17 -18.34 -8.71
CA ARG A 228 3.34 -18.78 -7.60
C ARG A 228 3.79 -18.11 -6.31
N ASP A 229 5.05 -18.36 -5.96
CA ASP A 229 5.59 -17.85 -4.71
C ASP A 229 5.57 -16.32 -4.63
N LYS A 230 6.03 -15.65 -5.68
CA LYS A 230 6.07 -14.18 -5.67
C LYS A 230 4.69 -13.56 -5.49
N ILE A 231 3.71 -14.14 -6.17
CA ILE A 231 2.33 -13.68 -6.04
C ILE A 231 1.77 -13.93 -4.65
N GLY A 232 2.07 -15.09 -4.10
CA GLY A 232 1.66 -15.43 -2.75
C GLY A 232 2.20 -14.41 -1.77
N ILE A 233 3.48 -14.09 -1.93
CA ILE A 233 4.12 -13.11 -1.08
C ILE A 233 3.49 -11.72 -1.21
N ALA A 234 3.17 -11.31 -2.44
CA ALA A 234 2.49 -10.03 -2.64
C ALA A 234 1.10 -9.97 -2.01
N ILE A 235 0.35 -11.06 -2.11
CA ILE A 235 -0.97 -11.15 -1.49
C ILE A 235 -0.85 -11.07 0.03
N LEU A 236 0.14 -11.75 0.59
CA LEU A 236 0.33 -11.69 2.05
C LEU A 236 0.67 -10.25 2.48
N GLN A 237 1.47 -9.59 1.66
CA GLN A 237 1.86 -8.21 1.91
C GLN A 237 0.64 -7.27 1.89
N LEU A 238 -0.18 -7.43 0.86
CA LEU A 238 -1.41 -6.66 0.72
C LEU A 238 -2.37 -6.89 1.88
N GLN A 239 -2.44 -8.13 2.34
CA GLN A 239 -3.30 -8.46 3.47
C GLN A 239 -2.81 -7.80 4.75
N GLU A 240 -1.51 -7.86 5.00
CA GLU A 240 -0.99 -7.36 6.26
C GLU A 240 -1.03 -5.83 6.39
N GLU A 241 -0.99 -5.12 5.27
CA GLU A 241 -1.07 -3.67 5.32
C GLU A 241 -2.50 -3.16 5.18
N GLY A 242 -3.47 -4.07 5.15
CA GLY A 242 -4.86 -3.67 5.15
C GLY A 242 -5.45 -3.33 3.79
N LYS A 243 -4.69 -3.51 2.71
CA LYS A 243 -5.17 -3.13 1.39
C LYS A 243 -6.31 -4.01 0.89
N LEU A 244 -6.21 -5.32 1.10
CA LEU A 244 -7.27 -6.23 0.67
C LEU A 244 -8.61 -5.88 1.32
N HIS A 245 -8.55 -5.53 2.59
CA HIS A 245 -9.74 -5.16 3.33
C HIS A 245 -10.36 -3.90 2.77
N MET A 246 -9.50 -2.94 2.42
CA MET A 246 -9.96 -1.69 1.85
C MET A 246 -10.61 -1.91 0.50
N MET A 247 -10.04 -2.81 -0.29
CA MET A 247 -10.61 -3.16 -1.58
C MET A 247 -12.00 -3.79 -1.39
N LYS A 248 -12.12 -4.66 -0.39
CA LYS A 248 -13.41 -5.29 -0.11
C LYS A 248 -14.45 -4.25 0.33
N GLU A 249 -14.08 -3.35 1.24
CA GLU A 249 -14.99 -2.28 1.64
C GLU A 249 -15.42 -1.44 0.44
N LYS A 250 -14.45 -1.11 -0.39
CA LYS A 250 -14.72 -0.35 -1.60
C LYS A 250 -15.76 -1.02 -2.46
N TRP A 251 -15.62 -2.32 -2.70
CA TRP A 251 -16.49 -2.95 -3.69
C TRP A 251 -17.76 -3.56 -3.09
N TRP A 252 -17.76 -3.76 -1.78
CA TRP A 252 -18.94 -4.28 -1.09
C TRP A 252 -19.72 -3.17 -0.36
N ARG A 253 -20.45 -2.35 -1.11
CA ARG A 253 -21.22 -1.27 -0.49
C ARG A 253 -22.28 -0.68 -1.42
N SER B 5 11.66 -41.37 5.52
CA SER B 5 11.12 -40.86 6.77
C SER B 5 11.35 -39.36 6.89
N LEU B 6 10.31 -38.64 7.29
CA LEU B 6 10.39 -37.19 7.37
C LEU B 6 10.68 -36.70 8.79
N ILE B 7 11.65 -35.79 8.90
CA ILE B 7 11.87 -35.07 10.14
C ILE B 7 10.83 -33.95 10.25
N VAL B 8 10.02 -34.00 11.29
CA VAL B 8 9.00 -32.98 11.52
C VAL B 8 9.35 -32.14 12.76
N THR B 9 9.57 -30.85 12.54
CA THR B 9 9.82 -29.94 13.65
C THR B 9 8.47 -29.42 14.16
N THR B 10 8.41 -29.14 15.46
CA THR B 10 7.19 -28.65 16.08
C THR B 10 7.54 -27.98 17.39
N ILE B 11 6.52 -27.55 18.13
CA ILE B 11 6.74 -26.86 19.39
C ILE B 11 5.54 -27.08 20.29
N LEU B 12 5.77 -27.10 21.60
CA LEU B 12 4.68 -27.28 22.54
C LEU B 12 3.83 -26.02 22.65
N GLU B 13 2.57 -26.15 22.26
CA GLU B 13 1.58 -25.10 22.46
C GLU B 13 0.23 -25.78 22.57
N GLU B 14 -0.47 -25.51 23.67
CA GLU B 14 -1.80 -26.09 23.88
C GLU B 14 -2.83 -25.31 23.07
N PRO B 15 -3.76 -26.03 22.42
CA PRO B 15 -3.88 -27.48 22.43
C PRO B 15 -3.33 -28.11 21.14
N TYR B 16 -2.44 -27.40 20.47
CA TYR B 16 -1.89 -27.88 19.20
C TYR B 16 -0.95 -29.05 19.41
N VAL B 17 -0.02 -28.90 20.35
CA VAL B 17 0.96 -29.93 20.64
C VAL B 17 1.25 -29.95 22.14
N LEU B 18 1.04 -31.09 22.77
CA LEU B 18 1.31 -31.22 24.20
C LEU B 18 1.85 -32.61 24.50
N PHE B 19 2.45 -32.77 25.67
CA PHE B 19 2.95 -34.08 26.09
C PHE B 19 1.81 -34.96 26.57
N LYS B 20 1.82 -36.22 26.11
CA LYS B 20 0.74 -37.15 26.38
C LYS B 20 0.84 -37.72 27.79
N LEU B 26 6.74 -41.53 27.51
CA LEU B 26 6.89 -42.61 26.55
C LEU B 26 8.08 -42.38 25.64
N TYR B 27 8.08 -43.02 24.47
CA TYR B 27 9.18 -42.89 23.52
C TYR B 27 8.70 -42.48 22.14
N GLY B 28 9.45 -41.59 21.50
CA GLY B 28 9.15 -41.16 20.15
C GLY B 28 7.82 -40.44 20.03
N ASN B 29 7.14 -40.66 18.91
CA ASN B 29 5.94 -39.92 18.58
C ASN B 29 4.74 -40.17 19.49
N ASP B 30 4.87 -41.13 20.39
CA ASP B 30 3.81 -41.38 21.37
C ASP B 30 3.88 -40.36 22.51
N ARG B 31 5.00 -39.64 22.59
CA ARG B 31 5.16 -38.61 23.62
C ARG B 31 4.12 -37.52 23.48
N PHE B 32 3.63 -37.29 22.26
CA PHE B 32 2.84 -36.11 21.95
C PHE B 32 1.38 -36.38 21.60
N GLU B 33 0.56 -35.35 21.76
CA GLU B 33 -0.84 -35.39 21.36
C GLU B 33 -1.30 -33.96 21.12
N GLY B 34 -2.42 -33.80 20.41
CA GLY B 34 -2.96 -32.48 20.14
C GLY B 34 -3.40 -32.31 18.71
N TYR B 35 -4.12 -31.24 18.46
CA TYR B 35 -4.58 -30.90 17.11
C TYR B 35 -3.51 -31.17 16.05
N CYS B 36 -2.35 -30.55 16.20
CA CYS B 36 -1.29 -30.68 15.20
C CYS B 36 -0.79 -32.11 15.05
N ILE B 37 -0.83 -32.88 16.13
CA ILE B 37 -0.44 -34.28 16.07
C ILE B 37 -1.47 -35.09 15.27
N ASP B 38 -2.76 -34.79 15.49
CA ASP B 38 -3.81 -35.45 14.73
C ASP B 38 -3.68 -35.10 13.25
N LEU B 39 -3.40 -33.83 12.97
CA LEU B 39 -3.23 -33.37 11.60
C LEU B 39 -2.07 -34.09 10.94
N LEU B 40 -0.93 -34.11 11.62
CA LEU B 40 0.24 -34.80 11.12
C LEU B 40 -0.13 -36.23 10.78
N ARG B 41 -0.86 -36.88 11.68
CA ARG B 41 -1.29 -38.26 11.44
C ARG B 41 -2.13 -38.38 10.16
N GLU B 42 -3.11 -37.50 10.01
CA GLU B 42 -3.99 -37.50 8.83
C GLU B 42 -3.20 -37.34 7.53
N LEU B 43 -2.27 -36.37 7.51
CA LEU B 43 -1.44 -36.13 6.35
C LEU B 43 -0.58 -37.35 6.03
N SER B 44 -0.02 -37.93 7.08
CA SER B 44 0.78 -39.14 6.97
C SER B 44 -0.01 -40.22 6.26
N THR B 45 -1.23 -40.44 6.72
CA THR B 45 -2.12 -41.43 6.11
C THR B 45 -2.41 -41.13 4.64
N ILE B 46 -2.74 -39.88 4.35
CA ILE B 46 -3.14 -39.50 2.99
C ILE B 46 -1.99 -39.59 1.99
N LEU B 47 -0.78 -39.22 2.42
CA LEU B 47 0.34 -39.08 1.50
C LEU B 47 1.29 -40.28 1.56
N GLY B 48 1.08 -41.16 2.52
CA GLY B 48 1.89 -42.36 2.65
C GLY B 48 3.35 -42.09 2.96
N PHE B 49 3.60 -41.29 3.99
CA PHE B 49 4.96 -41.11 4.49
C PHE B 49 5.04 -41.49 5.96
N THR B 50 6.27 -41.63 6.46
CA THR B 50 6.49 -41.89 7.88
C THR B 50 7.37 -40.77 8.42
N TYR B 51 7.32 -40.53 9.73
CA TYR B 51 7.97 -39.34 10.27
C TYR B 51 8.50 -39.49 11.69
N GLU B 52 9.53 -38.72 12.00
CA GLU B 52 10.00 -38.56 13.37
C GLU B 52 9.78 -37.13 13.83
N ILE B 53 9.08 -36.99 14.95
CA ILE B 53 8.77 -35.67 15.52
C ILE B 53 9.91 -35.16 16.40
N ARG B 54 10.29 -33.90 16.18
CA ARG B 54 11.31 -33.25 17.01
C ARG B 54 10.85 -31.86 17.43
N LEU B 55 10.93 -31.58 18.72
CA LEU B 55 10.63 -30.24 19.22
C LEU B 55 11.76 -29.29 18.83
N VAL B 56 11.42 -28.15 18.26
CA VAL B 56 12.43 -27.17 17.86
C VAL B 56 13.37 -26.92 19.04
N GLU B 57 14.66 -26.92 18.76
CA GLU B 57 15.66 -26.87 19.83
C GLU B 57 15.68 -25.55 20.60
N ASP B 58 15.61 -24.42 19.88
CA ASP B 58 15.71 -23.12 20.54
C ASP B 58 14.38 -22.59 21.05
N GLY B 59 13.32 -23.41 20.92
CA GLY B 59 12.01 -23.06 21.43
C GLY B 59 11.40 -21.83 20.78
N LYS B 60 11.81 -21.55 19.55
CA LYS B 60 11.32 -20.37 18.83
C LYS B 60 10.45 -20.77 17.64
N TYR B 61 9.62 -19.84 17.17
CA TYR B 61 8.75 -20.08 16.03
C TYR B 61 9.42 -19.76 14.69
N GLY B 62 9.93 -18.54 14.57
CA GLY B 62 10.60 -18.13 13.34
C GLY B 62 10.63 -16.64 13.14
N ALA B 63 11.68 -16.00 13.61
CA ALA B 63 11.87 -14.57 13.43
C ALA B 63 13.30 -14.26 12.99
N GLN B 64 13.45 -13.18 12.24
CA GLN B 64 14.77 -12.73 11.82
C GLN B 64 15.32 -11.73 12.83
N ASP B 65 16.51 -11.99 13.34
CA ASP B 65 17.15 -11.12 14.33
C ASP B 65 17.52 -9.76 13.71
N ASP B 66 17.42 -8.70 14.51
CA ASP B 66 17.63 -7.34 14.00
C ASP B 66 19.09 -6.94 13.77
N VAL B 67 19.98 -7.37 14.68
CA VAL B 67 21.39 -7.03 14.55
C VAL B 67 22.03 -7.79 13.39
N ASN B 68 22.03 -9.11 13.49
CA ASN B 68 22.43 -9.95 12.35
C ASN B 68 21.17 -10.43 11.63
N GLY B 69 21.33 -10.89 10.39
CA GLY B 69 20.18 -11.26 9.58
C GLY B 69 19.77 -12.71 9.70
N GLN B 70 20.10 -13.32 10.85
CA GLN B 70 19.87 -14.75 11.06
C GLN B 70 18.45 -15.08 11.49
N TRP B 71 17.92 -16.18 10.97
CA TRP B 71 16.62 -16.68 11.39
C TRP B 71 16.76 -17.65 12.55
N ASN B 72 15.72 -17.72 13.39
CA ASN B 72 15.68 -18.71 14.47
C ASN B 72 14.47 -19.61 14.36
N GLY B 73 14.35 -20.56 15.28
CA GLY B 73 13.16 -21.39 15.37
C GLY B 73 12.94 -22.38 14.24
N MET B 74 11.69 -22.82 14.11
CA MET B 74 11.32 -23.80 13.10
C MET B 74 11.62 -23.31 11.70
N VAL B 75 11.40 -22.02 11.47
CA VAL B 75 11.72 -21.43 10.19
C VAL B 75 13.17 -21.73 9.86
N ARG B 76 14.07 -21.30 10.74
CA ARG B 76 15.49 -21.57 10.58
C ARG B 76 15.73 -23.05 10.32
N GLU B 77 15.04 -23.91 11.09
CA GLU B 77 15.15 -25.36 10.91
C GLU B 77 14.89 -25.79 9.47
N LEU B 78 13.87 -25.20 8.85
CA LEU B 78 13.50 -25.54 7.48
C LEU B 78 14.50 -24.94 6.50
N ILE B 79 14.80 -23.67 6.67
CA ILE B 79 15.79 -22.97 5.85
C ILE B 79 17.07 -23.79 5.73
N ASP B 80 17.53 -24.35 6.85
CA ASP B 80 18.77 -25.11 6.89
C ASP B 80 18.60 -26.57 6.47
N HIS B 81 17.37 -26.97 6.14
CA HIS B 81 17.09 -28.37 5.78
C HIS B 81 17.38 -29.33 6.93
N LYS B 82 17.17 -28.87 8.15
CA LYS B 82 17.32 -29.72 9.33
C LYS B 82 16.00 -30.42 9.61
N ALA B 83 14.95 -29.97 8.94
CA ALA B 83 13.63 -30.56 9.07
C ALA B 83 12.91 -30.48 7.73
N ASP B 84 12.10 -31.50 7.44
CA ASP B 84 11.38 -31.55 6.18
C ASP B 84 10.06 -30.78 6.26
N LEU B 85 9.45 -30.81 7.44
CA LEU B 85 8.19 -30.13 7.66
C LEU B 85 8.17 -29.43 9.01
N ALA B 86 7.37 -28.38 9.09
CA ALA B 86 7.02 -27.79 10.38
C ALA B 86 5.52 -27.93 10.52
N VAL B 87 5.08 -28.53 11.62
CA VAL B 87 3.66 -28.68 11.89
C VAL B 87 3.34 -28.09 13.26
N ALA B 88 2.78 -26.89 13.25
CA ALA B 88 2.56 -26.14 14.47
C ALA B 88 1.67 -24.94 14.18
N PRO B 89 1.19 -24.26 15.24
CA PRO B 89 0.43 -23.03 14.99
C PRO B 89 1.36 -21.94 14.46
N LEU B 90 2.03 -22.23 13.36
CA LEU B 90 2.98 -21.32 12.73
C LEU B 90 2.27 -20.43 11.72
N ALA B 91 2.07 -19.17 12.09
CA ALA B 91 1.39 -18.21 11.23
C ALA B 91 2.10 -18.05 9.87
N ILE B 92 1.30 -17.95 8.82
CA ILE B 92 1.79 -17.68 7.48
C ILE B 92 1.95 -16.18 7.31
N THR B 93 3.20 -15.70 7.34
CA THR B 93 3.46 -14.28 7.19
C THR B 93 4.32 -14.00 5.95
N TYR B 94 4.12 -12.82 5.36
CA TYR B 94 4.93 -12.31 4.27
C TYR B 94 6.44 -12.54 4.50
N VAL B 95 6.94 -12.06 5.64
CA VAL B 95 8.34 -12.22 5.95
C VAL B 95 8.78 -13.68 5.93
N ARG B 96 8.00 -14.55 6.57
CA ARG B 96 8.33 -15.97 6.58
C ARG B 96 8.19 -16.59 5.20
N GLU B 97 7.13 -16.23 4.49
CA GLU B 97 6.89 -16.79 3.16
C GLU B 97 7.99 -16.40 2.18
N LYS B 98 8.77 -15.38 2.52
CA LYS B 98 9.90 -15.03 1.65
C LYS B 98 11.07 -16.02 1.72
N VAL B 99 11.19 -16.78 2.80
CA VAL B 99 12.34 -17.66 2.99
C VAL B 99 12.02 -19.16 3.09
N ILE B 100 10.76 -19.48 3.36
CA ILE B 100 10.31 -20.88 3.31
C ILE B 100 8.98 -20.92 2.60
N ASP B 101 8.48 -22.12 2.32
CA ASP B 101 7.18 -22.27 1.68
C ASP B 101 6.11 -22.73 2.66
N PHE B 102 4.89 -22.26 2.45
CA PHE B 102 3.78 -22.69 3.28
C PHE B 102 2.77 -23.49 2.44
N SER B 103 2.13 -24.45 3.09
CA SER B 103 1.03 -25.16 2.47
C SER B 103 -0.18 -24.26 2.53
N ALA B 104 -1.24 -24.63 1.84
CA ALA B 104 -2.52 -23.95 2.03
C ALA B 104 -2.81 -23.97 3.53
N PRO B 105 -3.46 -22.93 4.04
CA PRO B 105 -3.75 -22.90 5.48
C PRO B 105 -4.73 -24.00 5.91
N PHE B 106 -4.47 -24.60 7.07
CA PHE B 106 -5.40 -25.55 7.68
C PHE B 106 -6.22 -24.87 8.77
N MET B 107 -5.90 -23.61 9.05
CA MET B 107 -6.67 -22.85 10.03
C MET B 107 -6.61 -21.36 9.75
N THR B 108 -7.73 -20.68 9.94
CA THR B 108 -7.81 -19.24 9.73
C THR B 108 -8.11 -18.54 11.03
N LEU B 109 -7.43 -17.42 11.25
CA LEU B 109 -7.53 -16.70 12.50
C LEU B 109 -7.19 -15.24 12.29
N GLY B 110 -6.97 -14.53 13.39
CA GLY B 110 -6.55 -13.16 13.33
C GLY B 110 -5.97 -12.73 14.66
N ILE B 111 -5.18 -11.66 14.63
CA ILE B 111 -4.73 -11.06 15.87
C ILE B 111 -5.92 -10.37 16.52
N SER B 112 -5.99 -10.41 17.84
CA SER B 112 -7.02 -9.68 18.56
C SER B 112 -6.53 -9.33 19.97
N ILE B 113 -7.44 -8.84 20.80
CA ILE B 113 -7.09 -8.40 22.15
C ILE B 113 -7.69 -9.33 23.21
N LEU B 114 -6.84 -9.84 24.10
CA LEU B 114 -7.31 -10.59 25.24
C LEU B 114 -7.27 -9.68 26.46
N TYR B 115 -8.39 -9.55 27.16
CA TYR B 115 -8.46 -8.61 28.28
C TYR B 115 -9.50 -9.06 29.31
N ARG B 116 -9.64 -8.31 30.40
CA ARG B 116 -10.69 -8.57 31.38
C ARG B 116 -12.00 -7.97 30.87
N LYS B 117 -13.11 -8.49 31.36
CA LYS B 117 -14.43 -8.07 30.88
C LYS B 117 -14.98 -6.89 31.68
N GLY B 118 -15.81 -6.08 31.04
CA GLY B 118 -16.52 -5.00 31.72
C GLY B 118 -15.88 -3.63 31.65
N THR B 119 -14.68 -3.55 31.10
CA THR B 119 -13.97 -2.27 30.99
C THR B 119 -14.52 -1.48 29.80
N PRO B 120 -14.10 -0.22 29.65
CA PRO B 120 -14.52 0.57 28.49
C PRO B 120 -13.63 0.32 27.28
N ILE B 121 -12.49 -0.33 27.46
CA ILE B 121 -11.66 -0.68 26.33
C ILE B 121 -12.48 -1.56 25.39
N ASP B 122 -12.48 -1.18 24.12
CA ASP B 122 -13.45 -1.69 23.18
C ASP B 122 -12.77 -2.05 21.86
N SER B 123 -11.60 -1.46 21.64
CA SER B 123 -10.85 -1.71 20.41
C SER B 123 -9.38 -1.36 20.59
N ALA B 124 -8.56 -1.75 19.62
CA ALA B 124 -7.14 -1.43 19.62
C ALA B 124 -6.92 0.07 19.80
N ASP B 125 -7.77 0.88 19.17
CA ASP B 125 -7.63 2.33 19.26
C ASP B 125 -7.75 2.83 20.71
N ASP B 126 -8.73 2.29 21.44
CA ASP B 126 -8.92 2.67 22.83
C ASP B 126 -7.70 2.36 23.68
N LEU B 127 -7.00 1.28 23.35
CA LEU B 127 -5.75 0.95 24.02
C LEU B 127 -4.65 1.92 23.61
N ALA B 128 -4.53 2.16 22.31
CA ALA B 128 -3.42 2.92 21.74
C ALA B 128 -3.34 4.35 22.26
N LYS B 129 -4.48 4.95 22.58
CA LYS B 129 -4.52 6.35 22.97
C LYS B 129 -4.42 6.56 24.49
N GLN B 130 -3.91 5.56 25.20
CA GLN B 130 -3.74 5.66 26.65
C GLN B 130 -2.51 4.87 27.12
N THR B 131 -2.11 5.10 28.38
CA THR B 131 -0.95 4.41 28.93
C THR B 131 -1.21 3.76 30.30
N LYS B 132 -2.36 4.05 30.90
CA LYS B 132 -2.73 3.42 32.16
C LYS B 132 -2.65 1.91 32.03
N ILE B 133 -3.40 1.36 31.07
CA ILE B 133 -3.41 -0.06 30.80
C ILE B 133 -2.29 -0.45 29.85
N GLU B 134 -1.27 -1.10 30.37
CA GLU B 134 -0.19 -1.62 29.54
C GLU B 134 -0.72 -2.72 28.64
N TYR B 135 -0.08 -2.91 27.48
CA TYR B 135 -0.43 -3.98 26.57
C TYR B 135 0.81 -4.57 25.94
N GLY B 136 0.72 -5.81 25.43
CA GLY B 136 1.91 -6.45 24.90
C GLY B 136 1.68 -7.64 23.99
N ALA B 137 2.76 -8.35 23.67
CA ALA B 137 2.69 -9.48 22.77
C ALA B 137 3.83 -10.45 23.03
N VAL B 138 3.78 -11.62 22.40
CA VAL B 138 4.84 -12.61 22.52
C VAL B 138 6.06 -12.13 21.75
N GLU B 139 7.18 -11.97 22.45
CA GLU B 139 8.38 -11.42 21.84
C GLU B 139 8.79 -12.20 20.58
N ASP B 140 8.86 -11.48 19.46
CA ASP B 140 9.33 -12.03 18.20
C ASP B 140 8.43 -13.13 17.63
N GLY B 141 7.14 -13.00 17.88
CA GLY B 141 6.15 -13.85 17.23
C GLY B 141 5.53 -13.05 16.10
N ALA B 142 4.69 -13.71 15.30
CA ALA B 142 4.06 -13.05 14.16
C ALA B 142 3.28 -11.80 14.54
N THR B 143 2.73 -11.79 15.75
CA THR B 143 1.92 -10.66 16.21
C THR B 143 2.74 -9.40 16.48
N MET B 144 3.78 -9.56 17.29
CA MET B 144 4.68 -8.46 17.59
C MET B 144 5.28 -7.95 16.29
N THR B 145 5.67 -8.88 15.42
CA THR B 145 6.22 -8.54 14.12
C THR B 145 5.20 -7.75 13.30
N PHE B 146 3.94 -8.07 13.47
CA PHE B 146 2.87 -7.35 12.78
C PHE B 146 2.86 -5.91 13.23
N PHE B 147 2.95 -5.69 14.54
CA PHE B 147 2.93 -4.32 15.03
C PHE B 147 4.19 -3.54 14.66
N LYS B 148 5.32 -4.24 14.65
CA LYS B 148 6.61 -3.66 14.33
C LYS B 148 6.70 -3.26 12.86
N LYS B 149 6.06 -4.02 11.98
CA LYS B 149 6.12 -3.73 10.56
C LYS B 149 4.93 -2.89 10.06
N SER B 150 3.94 -2.66 10.92
CA SER B 150 2.74 -1.97 10.47
C SER B 150 2.95 -0.49 10.24
N LYS B 151 2.36 0.01 9.16
CA LYS B 151 2.41 1.42 8.82
C LYS B 151 1.04 2.06 9.02
N ILE B 152 0.14 1.31 9.64
CA ILE B 152 -1.15 1.82 10.07
C ILE B 152 -0.96 2.64 11.35
N SER B 153 -1.32 3.92 11.28
CA SER B 153 -1.15 4.82 12.42
C SER B 153 -1.34 4.15 13.77
N THR B 154 -2.57 3.72 14.06
CA THR B 154 -2.89 3.07 15.35
C THR B 154 -1.88 2.02 15.80
N TYR B 155 -1.62 1.06 14.92
CA TYR B 155 -0.75 -0.06 15.25
C TYR B 155 0.69 0.40 15.34
N ASP B 156 1.07 1.38 14.52
CA ASP B 156 2.41 1.95 14.61
C ASP B 156 2.64 2.57 15.99
N LYS B 157 1.62 3.28 16.49
CA LYS B 157 1.67 3.90 17.81
C LYS B 157 1.71 2.85 18.93
N MET B 158 0.92 1.78 18.76
CA MET B 158 0.96 0.68 19.72
C MET B 158 2.34 0.02 19.74
N TRP B 159 3.00 0.02 18.59
CA TRP B 159 4.36 -0.52 18.52
C TRP B 159 5.37 0.43 19.15
N ALA B 160 5.14 1.73 19.02
CA ALA B 160 6.01 2.70 19.66
C ALA B 160 5.94 2.46 21.17
N PHE B 161 4.71 2.36 21.67
CA PHE B 161 4.48 2.09 23.08
C PHE B 161 5.13 0.79 23.54
N MET B 162 4.86 -0.29 22.82
CA MET B 162 5.42 -1.60 23.17
C MET B 162 6.94 -1.57 23.16
N SER B 163 7.52 -1.14 22.06
CA SER B 163 8.97 -1.14 21.91
C SER B 163 9.64 -0.27 22.96
N SER B 164 8.97 0.81 23.38
CA SER B 164 9.53 1.67 24.42
C SER B 164 9.42 1.02 25.80
N ARG B 165 8.39 0.22 26.02
CA ARG B 165 8.20 -0.48 27.30
C ARG B 165 8.44 -1.98 27.15
N ARG B 166 9.20 -2.33 26.13
CA ARG B 166 9.46 -3.73 25.75
C ARG B 166 9.77 -4.64 26.92
N GLN B 167 10.70 -4.21 27.77
CA GLN B 167 11.24 -5.05 28.82
C GLN B 167 10.18 -5.58 29.77
N SER B 168 9.05 -4.89 29.86
CA SER B 168 8.03 -5.26 30.84
C SER B 168 6.64 -5.55 30.24
N VAL B 169 6.49 -5.38 28.94
CA VAL B 169 5.20 -5.65 28.30
C VAL B 169 5.25 -6.74 27.23
N LEU B 170 6.44 -7.12 26.80
CA LEU B 170 6.58 -8.26 25.91
C LEU B 170 6.86 -9.52 26.74
N VAL B 171 6.42 -10.67 26.24
CA VAL B 171 6.49 -11.90 27.01
C VAL B 171 7.05 -13.05 26.16
N LYS B 172 7.44 -14.14 26.81
CA LYS B 172 8.08 -15.25 26.12
C LYS B 172 7.08 -16.35 25.71
N SER B 173 5.85 -16.27 26.20
CA SER B 173 4.84 -17.28 25.86
C SER B 173 3.41 -16.78 26.01
N ASN B 174 2.49 -17.45 25.33
CA ASN B 174 1.06 -17.18 25.48
C ASN B 174 0.62 -17.30 26.93
N GLU B 175 1.18 -18.28 27.64
CA GLU B 175 0.79 -18.52 29.02
C GLU B 175 1.23 -17.37 29.92
N GLU B 176 2.45 -16.89 29.70
CA GLU B 176 2.95 -15.75 30.46
C GLU B 176 2.07 -14.53 30.26
N GLY B 177 1.64 -14.31 29.02
CA GLY B 177 0.78 -13.20 28.68
C GLY B 177 -0.58 -13.32 29.36
N ILE B 178 -1.16 -14.50 29.29
CA ILE B 178 -2.43 -14.76 29.94
C ILE B 178 -2.33 -14.50 31.43
N GLN B 179 -1.23 -14.93 32.03
CA GLN B 179 -0.96 -14.69 33.43
C GLN B 179 -0.84 -13.19 33.71
N ARG B 180 -0.26 -12.46 32.76
CA ARG B 180 -0.12 -11.01 32.88
C ARG B 180 -1.49 -10.35 32.92
N VAL B 181 -2.38 -10.81 32.05
CA VAL B 181 -3.76 -10.32 32.03
C VAL B 181 -4.48 -10.66 33.32
N LEU B 182 -4.18 -11.84 33.88
CA LEU B 182 -4.85 -12.31 35.09
C LEU B 182 -4.25 -11.77 36.39
N THR B 183 -3.11 -11.07 36.31
CA THR B 183 -2.45 -10.63 37.53
C THR B 183 -2.05 -9.15 37.54
N SER B 184 -2.51 -8.41 36.54
CA SER B 184 -2.20 -6.98 36.44
C SER B 184 -3.08 -6.29 35.41
N ASP B 185 -3.03 -4.96 35.35
CA ASP B 185 -3.80 -4.23 34.36
C ASP B 185 -3.03 -4.23 33.05
N TYR B 186 -3.38 -5.18 32.19
CA TYR B 186 -2.58 -5.49 31.02
C TYR B 186 -3.46 -6.16 29.96
N ALA B 187 -3.29 -5.76 28.72
CA ALA B 187 -4.04 -6.33 27.61
C ALA B 187 -3.10 -7.03 26.64
N PHE B 188 -3.44 -8.26 26.29
CA PHE B 188 -2.54 -9.15 25.57
C PHE B 188 -2.95 -9.30 24.11
N LEU B 189 -2.16 -8.72 23.20
CA LEU B 189 -2.36 -8.93 21.78
C LEU B 189 -2.00 -10.37 21.46
N MET B 190 -2.98 -11.10 20.93
CA MET B 190 -2.90 -12.56 20.89
C MET B 190 -3.68 -13.13 19.71
N GLU B 191 -3.28 -14.30 19.23
CA GLU B 191 -3.98 -14.92 18.11
C GLU B 191 -5.35 -15.46 18.52
N SER B 192 -6.35 -15.19 17.70
CA SER B 192 -7.76 -15.38 18.07
C SER B 192 -8.16 -16.81 18.43
N THR B 193 -7.60 -17.79 17.74
CA THR B 193 -7.89 -19.18 18.06
C THR B 193 -7.44 -19.52 19.48
N THR B 194 -6.26 -19.07 19.85
CA THR B 194 -5.77 -19.25 21.20
C THR B 194 -6.66 -18.51 22.20
N ILE B 195 -7.12 -17.31 21.82
CA ILE B 195 -8.04 -16.55 22.65
C ILE B 195 -9.28 -17.38 22.95
N GLU B 196 -9.87 -17.92 21.89
CA GLU B 196 -11.06 -18.73 21.96
C GLU B 196 -10.84 -19.93 22.87
N PHE B 197 -9.67 -20.53 22.79
CA PHE B 197 -9.34 -21.63 23.70
C PHE B 197 -9.29 -21.16 25.16
N VAL B 198 -8.67 -20.00 25.36
CA VAL B 198 -8.39 -19.47 26.70
C VAL B 198 -9.65 -19.01 27.45
N THR B 199 -10.54 -18.29 26.76
CA THR B 199 -11.73 -17.76 27.38
C THR B 199 -12.75 -18.85 27.76
N GLN B 200 -12.55 -20.06 27.27
CA GLN B 200 -13.41 -21.17 27.66
C GLN B 200 -13.05 -21.64 29.07
N ARG B 201 -11.88 -21.22 29.55
CA ARG B 201 -11.30 -21.73 30.78
C ARG B 201 -11.07 -20.64 31.81
N ASN B 202 -11.29 -19.39 31.41
CA ASN B 202 -11.20 -18.25 32.30
C ASN B 202 -12.39 -17.34 32.08
N CYS B 203 -13.32 -17.35 33.03
CA CYS B 203 -14.61 -16.73 32.83
C CYS B 203 -14.59 -15.21 32.93
N ASN B 204 -13.46 -14.65 33.36
CA ASN B 204 -13.34 -13.20 33.41
C ASN B 204 -12.39 -12.66 32.34
N LEU B 205 -12.07 -13.51 31.37
CA LEU B 205 -11.32 -13.08 30.19
C LEU B 205 -12.23 -13.02 28.97
N THR B 206 -11.94 -12.07 28.09
CA THR B 206 -12.75 -11.85 26.91
C THR B 206 -11.90 -11.32 25.76
N GLN B 207 -12.41 -11.46 24.54
CA GLN B 207 -11.80 -10.82 23.39
C GLN B 207 -12.37 -9.42 23.20
N ILE B 208 -11.49 -8.43 23.25
CA ILE B 208 -11.86 -7.04 23.04
C ILE B 208 -11.75 -6.67 21.57
N GLY B 209 -12.85 -6.18 21.01
CA GLY B 209 -12.87 -5.76 19.62
C GLY B 209 -12.87 -6.93 18.67
N GLY B 210 -12.74 -6.64 17.38
CA GLY B 210 -12.73 -7.68 16.37
C GLY B 210 -11.33 -8.15 16.05
N LEU B 211 -11.20 -8.83 14.92
CA LEU B 211 -9.90 -9.30 14.44
C LEU B 211 -9.09 -8.13 13.88
N ILE B 212 -7.90 -7.91 14.43
CA ILE B 212 -7.04 -6.82 13.97
C ILE B 212 -6.49 -7.07 12.58
N ASP B 213 -6.19 -8.33 12.27
CA ASP B 213 -5.84 -8.70 10.90
C ASP B 213 -6.41 -10.05 10.51
N SER B 214 -5.81 -10.68 9.51
CA SER B 214 -6.36 -11.87 8.92
C SER B 214 -5.23 -12.76 8.38
N LYS B 215 -5.06 -13.93 8.97
CA LYS B 215 -3.99 -14.82 8.55
C LYS B 215 -4.33 -16.29 8.79
N GLY B 216 -3.47 -17.17 8.32
CA GLY B 216 -3.67 -18.59 8.48
C GLY B 216 -2.47 -19.28 9.10
N TYR B 217 -2.72 -20.47 9.65
CA TYR B 217 -1.65 -21.37 10.06
C TYR B 217 -1.41 -22.30 8.89
N GLY B 218 -0.15 -22.58 8.59
CA GLY B 218 0.18 -23.49 7.52
C GLY B 218 1.32 -24.40 7.88
N VAL B 219 1.44 -25.51 7.17
CA VAL B 219 2.59 -26.39 7.31
C VAL B 219 3.77 -25.75 6.59
N GLY B 220 4.93 -25.75 7.24
CA GLY B 220 6.12 -25.16 6.66
C GLY B 220 7.04 -26.17 6.01
N THR B 221 7.51 -25.83 4.81
CA THR B 221 8.52 -26.62 4.11
C THR B 221 9.70 -25.73 3.73
N PRO B 222 10.88 -26.33 3.56
CA PRO B 222 12.01 -25.59 3.00
C PRO B 222 11.65 -25.02 1.64
N MET B 223 12.33 -23.96 1.23
CA MET B 223 12.03 -23.34 -0.05
C MET B 223 12.24 -24.31 -1.22
N GLY B 224 11.19 -24.56 -1.99
CA GLY B 224 11.28 -25.41 -3.16
C GLY B 224 11.07 -26.89 -2.89
N SER B 225 10.49 -27.20 -1.73
CA SER B 225 10.22 -28.58 -1.35
C SER B 225 9.05 -29.18 -2.14
N PRO B 226 9.26 -30.38 -2.71
CA PRO B 226 8.24 -31.11 -3.47
C PRO B 226 7.06 -31.56 -2.59
N TYR B 227 7.13 -31.30 -1.29
CA TYR B 227 6.08 -31.71 -0.38
C TYR B 227 5.09 -30.58 -0.05
N ARG B 228 5.46 -29.36 -0.42
CA ARG B 228 4.59 -28.21 -0.19
C ARG B 228 3.24 -28.40 -0.88
N ASP B 229 3.30 -28.83 -2.13
CA ASP B 229 2.09 -29.00 -2.92
C ASP B 229 1.26 -30.20 -2.45
N LYS B 230 1.90 -31.36 -2.32
CA LYS B 230 1.24 -32.56 -1.85
C LYS B 230 0.51 -32.25 -0.55
N ILE B 231 1.24 -31.62 0.37
CA ILE B 231 0.71 -31.28 1.68
C ILE B 231 -0.46 -30.31 1.59
N GLY B 232 -0.31 -29.28 0.75
CA GLY B 232 -1.40 -28.34 0.54
C GLY B 232 -2.64 -29.03 0.05
N ILE B 233 -2.45 -30.00 -0.83
CA ILE B 233 -3.54 -30.75 -1.43
C ILE B 233 -4.24 -31.62 -0.40
N ALA B 234 -3.45 -32.27 0.46
CA ALA B 234 -4.00 -33.13 1.51
C ALA B 234 -4.75 -32.31 2.56
N ILE B 235 -4.25 -31.10 2.81
CA ILE B 235 -4.91 -30.20 3.75
C ILE B 235 -6.23 -29.71 3.16
N LEU B 236 -6.20 -29.30 1.91
CA LEU B 236 -7.43 -28.95 1.21
C LEU B 236 -8.44 -30.09 1.32
N GLN B 237 -7.99 -31.32 1.08
CA GLN B 237 -8.86 -32.48 1.19
C GLN B 237 -9.45 -32.60 2.60
N LEU B 238 -8.60 -32.48 3.61
CA LEU B 238 -9.03 -32.57 5.00
C LEU B 238 -10.11 -31.54 5.32
N GLN B 239 -9.94 -30.36 4.75
CA GLN B 239 -10.91 -29.28 4.92
C GLN B 239 -12.23 -29.66 4.25
N GLU B 240 -12.17 -30.08 2.99
CA GLU B 240 -13.38 -30.39 2.23
C GLU B 240 -14.22 -31.50 2.85
N GLU B 241 -13.56 -32.50 3.44
CA GLU B 241 -14.30 -33.59 4.09
C GLU B 241 -14.52 -33.35 5.58
N GLY B 242 -14.45 -32.08 5.98
CA GLY B 242 -14.80 -31.68 7.33
C GLY B 242 -13.93 -32.20 8.45
N LYS B 243 -12.80 -32.82 8.11
CA LYS B 243 -11.91 -33.39 9.12
C LYS B 243 -11.30 -32.32 10.04
N LEU B 244 -10.81 -31.24 9.45
CA LEU B 244 -10.17 -30.19 10.22
C LEU B 244 -11.13 -29.60 11.26
N HIS B 245 -12.39 -29.45 10.88
CA HIS B 245 -13.39 -28.93 11.81
C HIS B 245 -13.59 -29.88 12.98
N MET B 246 -13.60 -31.17 12.68
CA MET B 246 -13.70 -32.20 13.72
C MET B 246 -12.51 -32.10 14.67
N MET B 247 -11.32 -31.91 14.12
CA MET B 247 -10.13 -31.78 14.96
C MET B 247 -10.22 -30.54 15.84
N LYS B 248 -10.81 -29.48 15.29
CA LYS B 248 -11.02 -28.24 16.04
C LYS B 248 -11.95 -28.49 17.22
N GLU B 249 -13.16 -28.97 16.92
CA GLU B 249 -14.12 -29.28 17.97
C GLU B 249 -13.50 -30.17 19.02
N LYS B 250 -12.82 -31.23 18.56
CA LYS B 250 -12.19 -32.18 19.45
C LYS B 250 -11.23 -31.52 20.42
N TRP B 251 -10.33 -30.68 19.92
CA TRP B 251 -9.30 -30.13 20.79
C TRP B 251 -9.66 -28.86 21.56
N TRP B 252 -10.71 -28.16 21.12
CA TRP B 252 -11.11 -26.92 21.79
C TRP B 252 -12.16 -27.13 22.89
N ARG B 253 -13.07 -28.06 22.67
CA ARG B 253 -14.07 -28.39 23.70
C ARG B 253 -13.39 -29.00 24.92
N CYS B 257 -17.12 -22.14 31.11
CA CYS B 257 -17.65 -20.79 30.95
C CYS B 257 -18.83 -20.73 29.99
N SER C 5 -15.18 11.67 13.26
CA SER C 5 -15.40 11.66 11.82
C SER C 5 -15.13 13.03 11.19
N LEU C 6 -14.34 13.04 10.12
CA LEU C 6 -13.85 14.27 9.53
C LEU C 6 -14.70 14.80 8.37
N ILE C 7 -14.86 16.13 8.33
CA ILE C 7 -15.44 16.79 7.18
C ILE C 7 -14.35 17.05 6.13
N VAL C 8 -14.58 16.58 4.92
CA VAL C 8 -13.61 16.73 3.84
C VAL C 8 -14.19 17.56 2.72
N THR C 9 -13.66 18.77 2.53
CA THR C 9 -14.11 19.61 1.44
C THR C 9 -13.37 19.24 0.15
N THR C 10 -14.06 19.32 -0.98
CA THR C 10 -13.45 19.03 -2.26
C THR C 10 -14.26 19.69 -3.39
N ILE C 11 -13.92 19.37 -4.63
CA ILE C 11 -14.58 19.98 -5.76
C ILE C 11 -14.48 19.12 -7.01
N LEU C 12 -15.50 19.18 -7.86
CA LEU C 12 -15.53 18.38 -9.07
C LEU C 12 -14.45 18.83 -10.04
N GLU C 13 -13.47 17.96 -10.27
CA GLU C 13 -12.44 18.19 -11.27
C GLU C 13 -11.89 16.85 -11.75
N GLU C 14 -11.97 16.60 -13.05
CA GLU C 14 -11.44 15.38 -13.61
C GLU C 14 -9.94 15.46 -13.83
N PRO C 15 -9.23 14.35 -13.59
CA PRO C 15 -9.83 13.10 -13.11
C PRO C 15 -9.67 12.93 -11.61
N TYR C 16 -9.63 14.03 -10.88
CA TYR C 16 -9.42 14.00 -9.42
C TYR C 16 -10.70 13.63 -8.69
N VAL C 17 -11.78 14.32 -9.00
CA VAL C 17 -13.07 14.05 -8.39
C VAL C 17 -14.21 14.20 -9.40
N LEU C 18 -14.87 13.10 -9.71
CA LEU C 18 -16.02 13.13 -10.61
C LEU C 18 -17.17 12.31 -10.06
N PHE C 19 -18.37 12.53 -10.60
CA PHE C 19 -19.52 11.73 -10.21
C PHE C 19 -19.48 10.36 -10.86
N LYS C 20 -19.54 9.33 -10.02
CA LYS C 20 -19.57 7.95 -10.49
C LYS C 20 -20.83 7.73 -11.33
N LYS C 21 -20.73 6.87 -12.34
CA LYS C 21 -21.87 6.61 -13.22
C LYS C 21 -22.93 5.77 -12.51
N SER C 22 -24.15 6.30 -12.46
CA SER C 22 -25.26 5.65 -11.76
C SER C 22 -25.33 4.15 -12.04
N LEU C 26 -26.69 7.44 -6.29
CA LEU C 26 -26.07 7.04 -5.04
C LEU C 26 -26.10 8.17 -4.02
N TYR C 27 -25.63 7.90 -2.81
CA TYR C 27 -25.63 8.90 -1.74
C TYR C 27 -24.31 8.95 -0.98
N GLY C 28 -24.01 10.11 -0.41
CA GLY C 28 -22.78 10.30 0.34
C GLY C 28 -21.55 10.00 -0.49
N ASN C 29 -20.52 9.46 0.17
CA ASN C 29 -19.23 9.25 -0.47
C ASN C 29 -19.25 8.28 -1.66
N ASP C 30 -20.33 7.51 -1.79
CA ASP C 30 -20.49 6.60 -2.92
C ASP C 30 -20.70 7.37 -4.21
N ARG C 31 -21.04 8.64 -4.08
CA ARG C 31 -21.34 9.49 -5.23
C ARG C 31 -20.11 9.78 -6.09
N PHE C 32 -18.93 9.79 -5.46
CA PHE C 32 -17.72 10.27 -6.12
C PHE C 32 -16.70 9.18 -6.48
N GLU C 33 -15.87 9.49 -7.47
CA GLU C 33 -14.71 8.68 -7.80
C GLU C 33 -13.62 9.58 -8.38
N GLY C 34 -12.39 9.08 -8.45
CA GLY C 34 -11.29 9.84 -9.01
C GLY C 34 -10.00 9.64 -8.23
N TYR C 35 -8.92 10.22 -8.74
CA TYR C 35 -7.62 10.13 -8.10
C TYR C 35 -7.69 10.58 -6.64
N CYS C 36 -8.39 11.68 -6.40
CA CYS C 36 -8.47 12.25 -5.05
C CYS C 36 -9.37 11.42 -4.13
N ILE C 37 -10.36 10.75 -4.71
CA ILE C 37 -11.21 9.84 -3.94
C ILE C 37 -10.40 8.61 -3.48
N ASP C 38 -9.60 8.06 -4.38
CA ASP C 38 -8.70 6.97 -4.04
C ASP C 38 -7.69 7.40 -2.99
N LEU C 39 -7.09 8.56 -3.17
CA LEU C 39 -6.13 9.08 -2.20
C LEU C 39 -6.79 9.20 -0.83
N LEU C 40 -7.94 9.86 -0.79
CA LEU C 40 -8.70 10.02 0.44
C LEU C 40 -8.94 8.66 1.09
N ARG C 41 -9.30 7.67 0.27
CA ARG C 41 -9.53 6.32 0.75
C ARG C 41 -8.27 5.77 1.44
N GLU C 42 -7.14 5.89 0.76
CA GLU C 42 -5.85 5.42 1.29
C GLU C 42 -5.50 6.08 2.62
N LEU C 43 -5.62 7.40 2.67
CA LEU C 43 -5.35 8.16 3.89
C LEU C 43 -6.24 7.66 5.00
N SER C 44 -7.50 7.40 4.66
CA SER C 44 -8.47 6.92 5.63
C SER C 44 -8.09 5.54 6.16
N THR C 45 -7.50 4.72 5.31
CA THR C 45 -7.07 3.39 5.73
C THR C 45 -5.86 3.49 6.67
N ILE C 46 -4.89 4.31 6.28
CA ILE C 46 -3.64 4.46 7.02
C ILE C 46 -3.82 5.15 8.38
N LEU C 47 -4.59 6.22 8.42
CA LEU C 47 -4.72 7.02 9.63
C LEU C 47 -5.98 6.64 10.43
N GLY C 48 -6.75 5.69 9.88
CA GLY C 48 -7.91 5.16 10.57
C GLY C 48 -8.89 6.23 11.02
N PHE C 49 -9.44 6.97 10.06
CA PHE C 49 -10.53 7.89 10.37
C PHE C 49 -11.72 7.64 9.44
N THR C 50 -12.90 8.06 9.88
CA THR C 50 -14.08 8.03 9.03
C THR C 50 -14.30 9.45 8.52
N TYR C 51 -14.97 9.60 7.37
CA TYR C 51 -15.10 10.92 6.77
C TYR C 51 -16.39 11.10 5.97
N GLU C 52 -16.75 12.37 5.77
CA GLU C 52 -17.90 12.75 4.97
C GLU C 52 -17.47 13.80 3.96
N ILE C 53 -17.57 13.46 2.68
CA ILE C 53 -17.19 14.37 1.61
C ILE C 53 -18.26 15.41 1.34
N ARG C 54 -17.82 16.66 1.17
CA ARG C 54 -18.73 17.76 0.84
C ARG C 54 -18.11 18.64 -0.23
N LEU C 55 -18.84 18.86 -1.31
CA LEU C 55 -18.37 19.76 -2.36
C LEU C 55 -18.42 21.20 -1.86
N VAL C 56 -17.32 21.93 -2.05
CA VAL C 56 -17.27 23.33 -1.64
C VAL C 56 -18.43 24.09 -2.28
N GLU C 57 -19.21 24.77 -1.43
CA GLU C 57 -20.46 25.39 -1.88
C GLU C 57 -20.27 26.49 -2.92
N ASP C 58 -19.33 27.40 -2.68
CA ASP C 58 -19.09 28.50 -3.61
C ASP C 58 -18.29 28.02 -4.82
N GLY C 59 -17.94 26.74 -4.83
CA GLY C 59 -17.23 26.14 -5.95
C GLY C 59 -15.95 26.86 -6.34
N LYS C 60 -15.14 27.22 -5.35
CA LYS C 60 -13.87 27.89 -5.59
C LYS C 60 -12.76 27.16 -4.84
N TYR C 61 -11.53 27.34 -5.30
CA TYR C 61 -10.38 26.72 -4.64
C TYR C 61 -9.89 27.53 -3.44
N GLY C 62 -9.71 28.83 -3.61
CA GLY C 62 -9.26 29.66 -2.52
C GLY C 62 -8.39 30.80 -2.97
N ALA C 63 -8.99 31.98 -3.09
CA ALA C 63 -8.26 33.19 -3.44
C ALA C 63 -8.59 34.27 -2.42
N GLN C 64 -7.65 35.18 -2.21
CA GLN C 64 -7.87 36.29 -1.30
C GLN C 64 -8.26 37.56 -2.04
N ASP C 65 -9.30 38.22 -1.56
CA ASP C 65 -9.74 39.50 -2.09
C ASP C 65 -8.70 40.58 -1.75
N ASP C 66 -8.50 41.54 -2.64
CA ASP C 66 -7.48 42.57 -2.44
C ASP C 66 -7.94 43.72 -1.54
N VAL C 67 -9.12 44.26 -1.82
CA VAL C 67 -9.68 45.36 -1.04
C VAL C 67 -9.80 44.95 0.43
N ASN C 68 -10.73 44.06 0.72
CA ASN C 68 -10.81 43.41 2.02
C ASN C 68 -9.95 42.15 1.98
N GLY C 69 -9.52 41.69 3.15
CA GLY C 69 -8.63 40.53 3.20
C GLY C 69 -9.35 39.19 3.26
N GLN C 70 -10.40 39.05 2.46
CA GLN C 70 -11.29 37.89 2.56
C GLN C 70 -10.95 36.74 1.62
N TRP C 71 -10.92 35.52 2.17
CA TRP C 71 -10.72 34.33 1.37
C TRP C 71 -12.04 33.66 1.03
N ASN C 72 -12.07 32.99 -0.13
CA ASN C 72 -13.20 32.19 -0.54
C ASN C 72 -12.77 30.74 -0.73
N GLY C 73 -13.67 29.91 -1.24
CA GLY C 73 -13.36 28.53 -1.58
C GLY C 73 -12.97 27.62 -0.44
N MET C 74 -12.27 26.54 -0.80
CA MET C 74 -11.86 25.54 0.17
C MET C 74 -10.92 26.13 1.22
N VAL C 75 -10.04 27.03 0.80
CA VAL C 75 -9.10 27.65 1.74
C VAL C 75 -9.85 28.41 2.84
N ARG C 76 -10.90 29.13 2.44
CA ARG C 76 -11.76 29.79 3.41
C ARG C 76 -12.48 28.75 4.28
N GLU C 77 -12.93 27.67 3.66
CA GLU C 77 -13.55 26.57 4.41
C GLU C 77 -12.64 26.15 5.55
N LEU C 78 -11.35 26.00 5.26
CA LEU C 78 -10.37 25.56 6.23
C LEU C 78 -10.09 26.64 7.28
N ILE C 79 -10.07 27.89 6.85
CA ILE C 79 -9.81 29.00 7.77
C ILE C 79 -10.90 29.09 8.84
N ASP C 80 -12.15 28.86 8.43
CA ASP C 80 -13.28 28.97 9.35
C ASP C 80 -13.55 27.69 10.13
N HIS C 81 -12.74 26.67 9.91
CA HIS C 81 -12.94 25.36 10.55
C HIS C 81 -14.30 24.77 10.22
N LYS C 82 -14.70 24.87 8.95
CA LYS C 82 -15.94 24.27 8.49
C LYS C 82 -15.66 22.89 7.92
N ALA C 83 -14.41 22.65 7.56
CA ALA C 83 -13.96 21.34 7.11
C ALA C 83 -12.59 21.04 7.72
N ASP C 84 -12.26 19.75 7.79
CA ASP C 84 -11.00 19.32 8.41
C ASP C 84 -9.90 19.14 7.36
N LEU C 85 -10.31 18.76 6.15
CA LEU C 85 -9.36 18.53 5.08
C LEU C 85 -9.87 19.06 3.75
N ALA C 86 -8.95 19.57 2.94
CA ALA C 86 -9.23 19.86 1.55
C ALA C 86 -8.52 18.80 0.72
N VAL C 87 -9.28 17.94 0.05
CA VAL C 87 -8.70 16.92 -0.80
C VAL C 87 -9.11 17.16 -2.25
N ALA C 88 -8.23 17.83 -2.98
CA ALA C 88 -8.50 18.30 -4.32
C ALA C 88 -7.17 18.59 -4.98
N PRO C 89 -7.17 18.89 -6.29
CA PRO C 89 -5.94 19.38 -6.90
C PRO C 89 -5.72 20.83 -6.47
N LEU C 90 -5.37 21.02 -5.20
CA LEU C 90 -5.23 22.35 -4.61
C LEU C 90 -3.76 22.74 -4.53
N ALA C 91 -3.35 23.68 -5.38
CA ALA C 91 -1.94 24.07 -5.46
C ALA C 91 -1.38 24.58 -4.14
N ILE C 92 -0.17 24.13 -3.81
CA ILE C 92 0.54 24.62 -2.63
C ILE C 92 1.23 25.92 -2.98
N THR C 93 0.71 27.04 -2.49
CA THR C 93 1.27 28.35 -2.82
C THR C 93 1.59 29.20 -1.59
N TYR C 94 2.60 30.04 -1.76
CA TYR C 94 3.03 31.01 -0.75
C TYR C 94 1.87 31.73 -0.05
N VAL C 95 1.05 32.43 -0.83
CA VAL C 95 -0.08 33.16 -0.26
C VAL C 95 -0.98 32.23 0.55
N ARG C 96 -1.30 31.07 0.00
CA ARG C 96 -2.16 30.10 0.67
C ARG C 96 -1.47 29.52 1.90
N GLU C 97 -0.21 29.13 1.75
CA GLU C 97 0.52 28.55 2.86
C GLU C 97 0.63 29.54 4.02
N LYS C 98 0.41 30.82 3.75
CA LYS C 98 0.38 31.80 4.84
C LYS C 98 -0.83 31.68 5.77
N VAL C 99 -1.95 31.17 5.26
CA VAL C 99 -3.19 31.17 6.03
C VAL C 99 -3.74 29.79 6.41
N ILE C 100 -3.38 28.77 5.65
CA ILE C 100 -3.71 27.39 6.00
C ILE C 100 -2.43 26.57 5.99
N ASP C 101 -2.55 25.29 6.33
CA ASP C 101 -1.41 24.37 6.24
C ASP C 101 -1.58 23.34 5.14
N PHE C 102 -0.45 22.85 4.65
CA PHE C 102 -0.45 21.86 3.57
C PHE C 102 0.35 20.64 3.99
N SER C 103 -0.09 19.48 3.52
CA SER C 103 0.68 18.26 3.72
C SER C 103 1.82 18.27 2.73
N ALA C 104 2.75 17.33 2.88
CA ALA C 104 3.72 17.06 1.82
C ALA C 104 2.94 16.95 0.51
N PRO C 105 3.54 17.38 -0.59
CA PRO C 105 2.82 17.34 -1.87
C PRO C 105 2.60 15.90 -2.36
N PHE C 106 1.38 15.58 -2.77
CA PHE C 106 1.09 14.27 -3.33
C PHE C 106 1.26 14.25 -4.84
N MET C 107 1.46 15.43 -5.43
CA MET C 107 1.69 15.51 -6.86
C MET C 107 2.59 16.70 -7.21
N THR C 108 3.40 16.53 -8.24
CA THR C 108 4.31 17.56 -8.69
C THR C 108 3.92 18.04 -10.08
N LEU C 109 3.97 19.35 -10.29
CA LEU C 109 3.55 19.91 -11.57
C LEU C 109 4.12 21.30 -11.75
N GLY C 110 3.64 21.98 -12.80
CA GLY C 110 4.04 23.34 -13.08
C GLY C 110 3.04 23.99 -14.01
N ILE C 111 3.06 25.32 -14.06
CA ILE C 111 2.23 26.05 -14.99
C ILE C 111 2.81 25.88 -16.39
N SER C 112 1.95 25.88 -17.40
CA SER C 112 2.39 25.73 -18.77
C SER C 112 1.31 26.20 -19.73
N ILE C 113 1.53 25.96 -21.02
CA ILE C 113 0.61 26.44 -22.05
C ILE C 113 -0.06 25.29 -22.81
N LEU C 114 -1.38 25.34 -22.88
CA LEU C 114 -2.16 24.42 -23.70
C LEU C 114 -2.51 25.16 -24.98
N TYR C 115 -2.14 24.57 -26.11
CA TYR C 115 -2.36 25.21 -27.40
C TYR C 115 -2.60 24.19 -28.50
N ARG C 116 -2.78 24.69 -29.73
CA ARG C 116 -2.92 23.84 -30.90
C ARG C 116 -1.53 23.53 -31.45
N LYS C 117 -1.43 22.44 -32.20
CA LYS C 117 -0.15 22.03 -32.78
C LYS C 117 0.19 22.83 -34.04
N GLY C 118 1.44 22.72 -34.48
CA GLY C 118 1.85 23.25 -35.77
C GLY C 118 2.27 24.70 -35.80
N THR C 119 1.86 25.48 -34.81
CA THR C 119 2.15 26.91 -34.79
C THR C 119 3.61 27.18 -34.44
N PRO C 120 4.12 28.36 -34.84
CA PRO C 120 5.49 28.76 -34.53
C PRO C 120 5.68 29.06 -33.05
N ILE C 121 4.58 29.23 -32.32
CA ILE C 121 4.64 29.52 -30.88
C ILE C 121 5.41 28.45 -30.13
N ASP C 122 6.28 28.88 -29.23
CA ASP C 122 7.21 27.96 -28.59
C ASP C 122 7.38 28.23 -27.09
N SER C 123 6.84 29.35 -26.62
CA SER C 123 7.04 29.73 -25.23
C SER C 123 6.13 30.88 -24.79
N ALA C 124 6.15 31.16 -23.49
CA ALA C 124 5.40 32.27 -22.92
C ALA C 124 5.99 33.58 -23.40
N ASP C 125 7.31 33.59 -23.59
CA ASP C 125 8.00 34.75 -24.13
C ASP C 125 7.44 35.10 -25.50
N ASP C 126 7.12 34.08 -26.30
CA ASP C 126 6.59 34.29 -27.64
C ASP C 126 5.18 34.89 -27.62
N LEU C 127 4.36 34.44 -26.67
CA LEU C 127 3.01 34.98 -26.52
C LEU C 127 3.04 36.41 -26.01
N ALA C 128 3.91 36.66 -25.04
CA ALA C 128 3.97 37.95 -24.36
C ALA C 128 4.20 39.11 -25.31
N LYS C 129 5.01 38.87 -26.34
CA LYS C 129 5.44 39.93 -27.24
C LYS C 129 4.53 40.13 -28.45
N GLN C 130 3.26 39.71 -28.32
CA GLN C 130 2.30 39.88 -29.40
C GLN C 130 0.88 40.01 -28.84
N THR C 131 -0.11 40.17 -29.73
CA THR C 131 -1.49 40.37 -29.29
C THR C 131 -2.53 39.68 -30.16
N LYS C 132 -2.12 39.16 -31.32
CA LYS C 132 -3.04 38.45 -32.19
C LYS C 132 -3.66 37.27 -31.45
N ILE C 133 -2.80 36.35 -31.02
CA ILE C 133 -3.23 35.19 -30.25
C ILE C 133 -3.55 35.56 -28.80
N GLU C 134 -4.82 35.48 -28.42
CA GLU C 134 -5.22 35.78 -27.06
C GLU C 134 -4.94 34.60 -26.14
N TYR C 135 -4.44 34.89 -24.95
CA TYR C 135 -4.17 33.85 -23.96
C TYR C 135 -4.85 34.18 -22.65
N GLY C 136 -5.12 33.17 -21.83
CA GLY C 136 -5.78 33.40 -20.56
C GLY C 136 -5.46 32.40 -19.47
N ALA C 137 -6.26 32.41 -18.41
CA ALA C 137 -6.12 31.45 -17.32
C ALA C 137 -7.42 31.43 -16.51
N VAL C 138 -7.53 30.52 -15.56
CA VAL C 138 -8.73 30.46 -14.73
C VAL C 138 -8.75 31.62 -13.73
N GLU C 139 -9.86 32.34 -13.70
CA GLU C 139 -9.99 33.51 -12.84
C GLU C 139 -9.83 33.17 -11.36
N ASP C 140 -8.86 33.82 -10.72
CA ASP C 140 -8.62 33.66 -9.28
C ASP C 140 -8.04 32.31 -8.89
N GLY C 141 -7.62 31.52 -9.89
CA GLY C 141 -6.89 30.30 -9.63
C GLY C 141 -5.44 30.60 -9.28
N ALA C 142 -4.67 29.55 -9.00
CA ALA C 142 -3.28 29.72 -8.57
C ALA C 142 -2.37 30.19 -9.71
N THR C 143 -2.77 29.90 -10.94
CA THR C 143 -2.02 30.31 -12.12
C THR C 143 -2.14 31.82 -12.35
N MET C 144 -3.40 32.27 -12.42
CA MET C 144 -3.69 33.69 -12.54
C MET C 144 -2.96 34.46 -11.46
N THR C 145 -2.97 33.92 -10.24
CA THR C 145 -2.31 34.58 -9.11
C THR C 145 -0.79 34.59 -9.28
N PHE C 146 -0.24 33.50 -9.83
CA PHE C 146 1.18 33.50 -10.15
C PHE C 146 1.52 34.69 -11.05
N PHE C 147 0.73 34.87 -12.10
CA PHE C 147 1.01 35.95 -13.03
C PHE C 147 0.80 37.33 -12.42
N LYS C 148 -0.28 37.48 -11.65
CA LYS C 148 -0.56 38.71 -10.93
C LYS C 148 0.59 39.13 -10.02
N LYS C 149 1.10 38.20 -9.22
CA LYS C 149 2.10 38.53 -8.21
C LYS C 149 3.54 38.58 -8.75
N SER C 150 3.71 38.19 -10.02
CA SER C 150 5.04 38.07 -10.61
C SER C 150 5.74 39.39 -10.89
N LYS C 151 6.99 39.52 -10.42
CA LYS C 151 7.82 40.67 -10.74
C LYS C 151 8.71 40.36 -11.95
N ILE C 152 8.41 39.28 -12.64
CA ILE C 152 9.14 38.90 -13.84
C ILE C 152 8.59 39.66 -15.04
N SER C 153 9.47 40.34 -15.76
CA SER C 153 9.08 41.16 -16.91
C SER C 153 8.05 40.48 -17.81
N THR C 154 8.41 39.31 -18.32
CA THR C 154 7.55 38.56 -19.24
C THR C 154 6.17 38.31 -18.64
N TYR C 155 6.17 37.78 -17.43
CA TYR C 155 4.92 37.42 -16.76
C TYR C 155 4.15 38.67 -16.34
N ASP C 156 4.86 39.72 -15.97
CA ASP C 156 4.23 41.00 -15.64
C ASP C 156 3.47 41.53 -16.85
N LYS C 157 4.07 41.39 -18.02
CA LYS C 157 3.45 41.85 -19.26
C LYS C 157 2.25 40.98 -19.64
N MET C 158 2.39 39.67 -19.47
CA MET C 158 1.27 38.77 -19.73
C MET C 158 0.10 39.06 -18.77
N TRP C 159 0.42 39.42 -17.54
CA TRP C 159 -0.60 39.78 -16.56
C TRP C 159 -1.26 41.11 -16.94
N ALA C 160 -0.46 42.05 -17.41
CA ALA C 160 -1.01 43.30 -17.95
C ALA C 160 -2.07 42.95 -18.98
N PHE C 161 -1.66 42.16 -19.97
CA PHE C 161 -2.56 41.74 -21.04
C PHE C 161 -3.84 41.12 -20.49
N MET C 162 -3.68 40.12 -19.62
CA MET C 162 -4.83 39.36 -19.11
C MET C 162 -5.80 40.20 -18.29
N SER C 163 -5.27 41.09 -17.45
CA SER C 163 -6.12 41.94 -16.62
C SER C 163 -6.77 43.01 -17.47
N SER C 164 -6.15 43.34 -18.59
CA SER C 164 -6.74 44.26 -19.55
C SER C 164 -8.00 43.64 -20.19
N ARG C 165 -7.84 42.44 -20.74
CA ARG C 165 -8.93 41.75 -21.42
C ARG C 165 -9.56 40.67 -20.54
N ARG C 166 -9.49 40.86 -19.22
CA ARG C 166 -9.92 39.82 -18.28
C ARG C 166 -11.31 39.27 -18.61
N GLN C 167 -12.23 40.16 -18.96
CA GLN C 167 -13.61 39.77 -19.17
C GLN C 167 -13.77 38.79 -20.33
N SER C 168 -12.74 38.66 -21.15
CA SER C 168 -12.83 37.83 -22.34
C SER C 168 -11.75 36.75 -22.46
N VAL C 169 -10.75 36.78 -21.58
CA VAL C 169 -9.67 35.80 -21.63
C VAL C 169 -9.56 35.01 -20.34
N LEU C 170 -10.23 35.47 -19.29
CA LEU C 170 -10.26 34.75 -18.03
C LEU C 170 -11.52 33.90 -17.93
N VAL C 171 -11.34 32.59 -17.79
CA VAL C 171 -12.46 31.67 -17.75
C VAL C 171 -12.78 31.27 -16.32
N LYS C 172 -13.92 30.61 -16.14
CA LYS C 172 -14.36 30.21 -14.81
C LYS C 172 -14.01 28.75 -14.52
N SER C 173 -13.36 28.09 -15.47
CA SER C 173 -13.02 26.68 -15.32
C SER C 173 -12.05 26.16 -16.37
N ASN C 174 -11.32 25.11 -16.02
CA ASN C 174 -10.43 24.43 -16.96
C ASN C 174 -11.14 24.07 -18.27
N GLU C 175 -12.32 23.47 -18.15
CA GLU C 175 -13.08 23.04 -19.31
C GLU C 175 -13.37 24.20 -20.26
N GLU C 176 -13.91 25.28 -19.72
CA GLU C 176 -14.19 26.47 -20.52
C GLU C 176 -12.95 26.92 -21.27
N GLY C 177 -11.82 26.88 -20.58
CA GLY C 177 -10.54 27.20 -21.21
C GLY C 177 -10.26 26.29 -22.40
N ILE C 178 -10.29 24.99 -22.16
CA ILE C 178 -10.05 24.00 -23.21
C ILE C 178 -10.92 24.26 -24.44
N GLN C 179 -12.21 24.43 -24.21
CA GLN C 179 -13.14 24.74 -25.30
C GLN C 179 -12.71 26.00 -26.01
N ARG C 180 -12.25 26.98 -25.23
CA ARG C 180 -11.79 28.24 -25.77
C ARG C 180 -10.57 28.07 -26.66
N VAL C 181 -9.76 27.05 -26.36
CA VAL C 181 -8.58 26.75 -27.17
C VAL C 181 -9.00 26.09 -28.47
N LEU C 182 -9.94 25.15 -28.35
CA LEU C 182 -10.44 24.43 -29.51
C LEU C 182 -11.18 25.33 -30.49
N THR C 183 -11.82 26.39 -29.99
CA THR C 183 -12.73 27.18 -30.81
C THR C 183 -12.16 28.48 -31.36
N SER C 184 -11.00 28.92 -30.89
CA SER C 184 -10.42 30.16 -31.39
C SER C 184 -8.92 30.27 -31.14
N ASP C 185 -8.31 31.33 -31.66
CA ASP C 185 -6.88 31.56 -31.48
C ASP C 185 -6.62 32.02 -30.05
N TYR C 186 -6.43 31.04 -29.16
CA TYR C 186 -6.34 31.32 -27.73
C TYR C 186 -5.51 30.24 -27.05
N ALA C 187 -4.47 30.65 -26.33
CA ALA C 187 -3.64 29.74 -25.56
C ALA C 187 -4.03 29.79 -24.09
N PHE C 188 -4.01 28.64 -23.43
CA PHE C 188 -4.48 28.57 -22.06
C PHE C 188 -3.37 28.26 -21.06
N LEU C 189 -3.19 29.15 -20.08
CA LEU C 189 -2.25 28.95 -18.99
C LEU C 189 -2.85 27.96 -17.99
N MET C 190 -2.27 26.76 -17.94
CA MET C 190 -2.89 25.63 -17.27
C MET C 190 -1.85 24.85 -16.49
N GLU C 191 -2.27 24.17 -15.42
CA GLU C 191 -1.36 23.29 -14.68
C GLU C 191 -1.00 22.05 -15.51
N SER C 192 0.28 21.71 -15.54
CA SER C 192 0.80 20.74 -16.50
C SER C 192 0.17 19.36 -16.43
N THR C 193 -0.22 18.95 -15.23
CA THR C 193 -0.84 17.64 -15.03
C THR C 193 -2.21 17.55 -15.73
N THR C 194 -2.99 18.62 -15.60
CA THR C 194 -4.29 18.69 -16.25
C THR C 194 -4.10 18.76 -17.76
N ILE C 195 -3.12 19.54 -18.21
CA ILE C 195 -2.75 19.58 -19.62
C ILE C 195 -2.50 18.17 -20.11
N GLU C 196 -1.75 17.41 -19.31
CA GLU C 196 -1.38 16.06 -19.64
C GLU C 196 -2.62 15.19 -19.83
N PHE C 197 -3.55 15.29 -18.88
CA PHE C 197 -4.80 14.56 -18.99
C PHE C 197 -5.60 14.97 -20.24
N VAL C 198 -5.48 16.25 -20.61
CA VAL C 198 -6.27 16.81 -21.71
C VAL C 198 -5.74 16.42 -23.08
N THR C 199 -4.42 16.35 -23.21
CA THR C 199 -3.79 16.04 -24.50
C THR C 199 -3.83 14.55 -24.83
N GLN C 200 -4.69 13.81 -24.13
CA GLN C 200 -4.86 12.38 -24.38
C GLN C 200 -6.31 12.06 -24.68
N ARG C 201 -7.14 13.10 -24.75
CA ARG C 201 -8.53 12.98 -25.16
C ARG C 201 -8.78 13.85 -26.39
N ASN C 202 -7.91 14.85 -26.56
CA ASN C 202 -7.93 15.72 -27.73
C ASN C 202 -6.55 15.78 -28.35
N CYS C 203 -6.40 15.23 -29.56
CA CYS C 203 -5.09 15.02 -30.14
C CYS C 203 -4.62 16.13 -31.06
N ASN C 204 -5.39 17.20 -31.15
CA ASN C 204 -4.96 18.40 -31.86
C ASN C 204 -4.44 19.46 -30.88
N LEU C 205 -4.43 19.09 -29.60
CA LEU C 205 -3.90 19.97 -28.57
C LEU C 205 -2.55 19.46 -28.07
N THR C 206 -1.79 20.35 -27.44
CA THR C 206 -0.43 20.03 -27.03
C THR C 206 0.08 21.05 -26.02
N GLN C 207 1.18 20.72 -25.36
CA GLN C 207 1.82 21.64 -24.43
C GLN C 207 2.91 22.45 -25.13
N ILE C 208 2.75 23.76 -25.12
CA ILE C 208 3.77 24.66 -25.64
C ILE C 208 4.80 24.93 -24.55
N GLY C 209 6.08 24.81 -24.92
CA GLY C 209 7.16 25.11 -24.00
C GLY C 209 7.24 24.12 -22.84
N GLY C 210 8.05 24.48 -21.84
CA GLY C 210 8.23 23.64 -20.66
C GLY C 210 7.46 24.18 -19.47
N LEU C 211 8.00 23.94 -18.28
CA LEU C 211 7.32 24.39 -17.07
C LEU C 211 7.68 25.83 -16.70
N ILE C 212 6.64 26.65 -16.56
CA ILE C 212 6.80 28.05 -16.18
C ILE C 212 7.19 28.17 -14.72
N ASP C 213 6.68 27.28 -13.88
CA ASP C 213 7.10 27.22 -12.49
C ASP C 213 7.06 25.78 -11.96
N SER C 214 7.23 25.63 -10.66
CA SER C 214 7.24 24.31 -10.03
C SER C 214 6.51 24.35 -8.70
N LYS C 215 5.47 23.53 -8.58
CA LYS C 215 4.66 23.49 -7.36
C LYS C 215 4.04 22.12 -7.18
N GLY C 216 3.42 21.91 -6.03
CA GLY C 216 2.75 20.65 -5.77
C GLY C 216 1.29 20.84 -5.42
N TYR C 217 0.52 19.76 -5.54
CA TYR C 217 -0.80 19.70 -4.94
C TYR C 217 -0.59 19.07 -3.57
N GLY C 218 -1.37 19.51 -2.59
CA GLY C 218 -1.27 18.94 -1.26
C GLY C 218 -2.62 18.88 -0.58
N VAL C 219 -2.69 18.13 0.51
CA VAL C 219 -3.92 18.12 1.28
C VAL C 219 -3.88 19.32 2.21
N GLY C 220 -4.95 20.11 2.19
CA GLY C 220 -5.04 21.29 3.01
C GLY C 220 -5.72 21.05 4.35
N THR C 221 -5.14 21.61 5.40
CA THR C 221 -5.68 21.52 6.75
C THR C 221 -5.67 22.91 7.35
N PRO C 222 -6.51 23.16 8.36
CA PRO C 222 -6.47 24.48 9.00
C PRO C 222 -5.11 24.74 9.64
N MET C 223 -4.74 26.00 9.79
CA MET C 223 -3.42 26.33 10.33
C MET C 223 -3.23 25.70 11.70
N GLY C 224 -2.11 25.01 11.86
CA GLY C 224 -1.80 24.34 13.11
C GLY C 224 -2.64 23.10 13.39
N SER C 225 -3.26 22.57 12.35
CA SER C 225 -4.03 21.33 12.49
C SER C 225 -3.12 20.19 12.93
N PRO C 226 -3.53 19.43 13.94
CA PRO C 226 -2.76 18.27 14.39
C PRO C 226 -2.82 17.11 13.39
N TYR C 227 -3.54 17.30 12.29
CA TYR C 227 -3.68 16.29 11.26
C TYR C 227 -2.69 16.49 10.12
N ARG C 228 -2.13 17.69 10.02
CA ARG C 228 -1.19 18.05 8.96
C ARG C 228 -0.04 17.06 8.85
N ASP C 229 0.67 16.88 9.96
CA ASP C 229 1.83 16.01 9.99
C ASP C 229 1.45 14.56 9.70
N LYS C 230 0.40 14.08 10.34
CA LYS C 230 -0.09 12.72 10.12
C LYS C 230 -0.31 12.45 8.64
N ILE C 231 -1.02 13.38 7.99
CA ILE C 231 -1.36 13.25 6.58
C ILE C 231 -0.14 13.33 5.70
N GLY C 232 0.80 14.20 6.05
CA GLY C 232 2.04 14.30 5.32
C GLY C 232 2.80 12.99 5.36
N ILE C 233 2.89 12.41 6.55
CA ILE C 233 3.54 11.12 6.73
C ILE C 233 2.86 10.05 5.86
N ALA C 234 1.53 10.01 5.89
CA ALA C 234 0.79 9.05 5.08
C ALA C 234 1.09 9.24 3.59
N ILE C 235 1.13 10.49 3.14
CA ILE C 235 1.38 10.78 1.74
C ILE C 235 2.78 10.33 1.32
N LEU C 236 3.78 10.70 2.13
CA LEU C 236 5.14 10.22 1.91
C LEU C 236 5.17 8.69 1.81
N GLN C 237 4.44 8.03 2.70
CA GLN C 237 4.38 6.58 2.71
C GLN C 237 3.81 6.03 1.40
N LEU C 238 2.74 6.64 0.91
CA LEU C 238 2.12 6.20 -0.35
C LEU C 238 3.03 6.48 -1.54
N GLN C 239 3.83 7.54 -1.42
CA GLN C 239 4.78 7.93 -2.45
C GLN C 239 5.88 6.87 -2.56
N GLU C 240 6.51 6.58 -1.44
CA GLU C 240 7.65 5.68 -1.40
C GLU C 240 7.34 4.26 -1.91
N GLU C 241 6.12 3.78 -1.64
CA GLU C 241 5.75 2.44 -2.09
C GLU C 241 5.16 2.43 -3.50
N GLY C 242 5.12 3.61 -4.12
CA GLY C 242 4.71 3.72 -5.52
C GLY C 242 3.22 3.64 -5.74
N LYS C 243 2.45 3.90 -4.69
CA LYS C 243 0.99 3.85 -4.79
C LYS C 243 0.43 5.08 -5.51
N LEU C 244 1.06 6.23 -5.29
CA LEU C 244 0.64 7.46 -5.95
C LEU C 244 0.90 7.37 -7.44
N HIS C 245 2.01 6.74 -7.82
CA HIS C 245 2.30 6.55 -9.24
C HIS C 245 1.25 5.63 -9.86
N MET C 246 0.84 4.63 -9.09
CA MET C 246 -0.19 3.71 -9.51
C MET C 246 -1.50 4.46 -9.75
N MET C 247 -1.88 5.32 -8.82
CA MET C 247 -3.12 6.08 -8.93
C MET C 247 -3.09 7.03 -10.13
N LYS C 248 -1.92 7.64 -10.36
CA LYS C 248 -1.71 8.51 -11.52
C LYS C 248 -1.89 7.72 -12.83
N GLU C 249 -1.20 6.59 -12.93
CA GLU C 249 -1.34 5.74 -14.11
C GLU C 249 -2.78 5.29 -14.33
N LYS C 250 -3.47 5.02 -13.23
CA LYS C 250 -4.86 4.57 -13.29
C LYS C 250 -5.79 5.65 -13.83
N TRP C 251 -5.65 6.87 -13.33
CA TRP C 251 -6.60 7.92 -13.71
C TRP C 251 -6.23 8.74 -14.94
N TRP C 252 -4.96 8.68 -15.34
CA TRP C 252 -4.51 9.46 -16.47
C TRP C 252 -4.51 8.72 -17.81
N ARG C 253 -4.09 7.46 -17.79
CA ARG C 253 -4.09 6.65 -19.02
C ARG C 253 -5.50 6.18 -19.35
N SER D 5 19.84 33.91 18.00
CA SER D 5 20.62 33.47 16.85
C SER D 5 20.41 31.98 16.60
N LEU D 6 20.11 31.62 15.35
CA LEU D 6 19.75 30.24 15.01
C LEU D 6 20.96 29.33 14.83
N ILE D 7 20.92 28.18 15.50
CA ILE D 7 21.92 27.15 15.31
C ILE D 7 21.53 26.32 14.09
N VAL D 8 22.44 26.22 13.13
CA VAL D 8 22.14 25.53 11.87
C VAL D 8 23.08 24.37 11.61
N THR D 9 22.58 23.15 11.79
CA THR D 9 23.37 21.97 11.43
C THR D 9 23.36 21.78 9.92
N THR D 10 24.51 21.40 9.39
CA THR D 10 24.61 21.07 7.97
C THR D 10 25.79 20.13 7.77
N ILE D 11 26.11 19.83 6.52
CA ILE D 11 27.19 18.91 6.23
C ILE D 11 27.83 19.23 4.88
N LEU D 12 29.12 18.92 4.74
CA LEU D 12 29.82 19.15 3.49
C LEU D 12 29.36 18.17 2.43
N GLU D 13 28.94 18.69 1.28
CA GLU D 13 28.47 17.87 0.17
C GLU D 13 28.34 18.70 -1.09
N GLU D 14 29.34 18.61 -1.96
CA GLU D 14 29.37 19.38 -3.19
C GLU D 14 28.18 19.01 -4.07
N PRO D 15 27.56 20.01 -4.72
CA PRO D 15 27.87 21.44 -4.62
C PRO D 15 26.89 22.17 -3.72
N TYR D 16 26.45 21.52 -2.65
CA TYR D 16 25.47 22.10 -1.73
C TYR D 16 26.15 22.89 -0.61
N VAL D 17 27.09 22.25 0.06
CA VAL D 17 27.87 22.89 1.10
C VAL D 17 29.34 22.52 0.93
N LEU D 18 30.17 23.52 0.66
CA LEU D 18 31.60 23.29 0.51
C LEU D 18 32.43 24.45 1.02
N PHE D 19 33.67 24.16 1.39
CA PHE D 19 34.60 25.19 1.84
C PHE D 19 34.99 26.14 0.70
N LYS D 20 35.28 27.38 1.05
CA LYS D 20 35.55 28.42 0.06
C LYS D 20 37.04 28.69 -0.09
N LEU D 26 39.59 32.17 6.44
CA LEU D 26 38.17 32.47 6.59
C LEU D 26 37.60 31.92 7.90
N TYR D 27 36.63 32.64 8.47
CA TYR D 27 36.07 32.28 9.77
C TYR D 27 34.54 32.25 9.78
N GLY D 28 34.01 31.35 10.60
CA GLY D 28 32.57 31.24 10.80
C GLY D 28 31.81 30.92 9.52
N ASN D 29 30.66 31.55 9.35
CA ASN D 29 29.82 31.32 8.19
C ASN D 29 30.53 31.62 6.89
N ASP D 30 31.51 32.52 6.94
CA ASP D 30 32.27 32.89 5.76
C ASP D 30 33.03 31.71 5.18
N ARG D 31 33.24 30.69 6.01
CA ARG D 31 33.96 29.50 5.57
C ARG D 31 33.28 28.81 4.39
N PHE D 32 31.95 28.76 4.43
CA PHE D 32 31.20 27.90 3.52
C PHE D 32 30.58 28.62 2.33
N GLU D 33 30.34 27.86 1.26
CA GLU D 33 29.56 28.32 0.12
C GLU D 33 28.77 27.15 -0.43
N GLY D 34 27.90 27.42 -1.40
CA GLY D 34 27.12 26.39 -2.05
C GLY D 34 25.65 26.72 -2.16
N TYR D 35 24.92 25.92 -2.93
CA TYR D 35 23.48 26.07 -3.08
C TYR D 35 22.81 26.20 -1.72
N CYS D 36 23.22 25.35 -0.77
CA CYS D 36 22.59 25.35 0.54
C CYS D 36 22.92 26.60 1.35
N ILE D 37 24.16 27.06 1.25
CA ILE D 37 24.59 28.25 1.96
C ILE D 37 23.88 29.50 1.42
N ASP D 38 23.82 29.60 0.09
CA ASP D 38 23.05 30.63 -0.57
C ASP D 38 21.61 30.59 -0.05
N LEU D 39 20.99 29.41 -0.15
CA LEU D 39 19.62 29.21 0.31
C LEU D 39 19.42 29.72 1.73
N LEU D 40 20.36 29.37 2.60
CA LEU D 40 20.30 29.80 3.99
C LEU D 40 20.36 31.33 4.08
N ARG D 41 21.14 31.94 3.19
CA ARG D 41 21.24 33.39 3.19
C ARG D 41 19.93 34.04 2.74
N GLU D 42 19.29 33.44 1.75
CA GLU D 42 17.99 33.91 1.28
C GLU D 42 16.96 33.80 2.41
N LEU D 43 16.84 32.60 2.97
CA LEU D 43 15.93 32.34 4.08
C LEU D 43 16.16 33.35 5.19
N SER D 44 17.43 33.59 5.50
CA SER D 44 17.82 34.54 6.54
C SER D 44 17.37 35.96 6.21
N THR D 45 17.53 36.35 4.95
CA THR D 45 17.07 37.65 4.50
C THR D 45 15.58 37.78 4.74
N ILE D 46 14.81 36.86 4.14
CA ILE D 46 13.36 36.92 4.18
C ILE D 46 12.76 36.85 5.58
N LEU D 47 13.17 35.88 6.38
CA LEU D 47 12.59 35.69 7.70
C LEU D 47 13.21 36.64 8.73
N GLY D 48 14.41 37.12 8.44
CA GLY D 48 15.08 38.07 9.31
C GLY D 48 15.59 37.47 10.61
N PHE D 49 16.54 36.54 10.48
CA PHE D 49 17.21 35.98 11.64
C PHE D 49 18.71 35.89 11.37
N THR D 50 19.48 35.69 12.41
CA THR D 50 20.92 35.49 12.27
C THR D 50 21.24 34.05 12.66
N TYR D 51 22.34 33.52 12.13
CA TYR D 51 22.60 32.08 12.29
C TYR D 51 24.07 31.73 12.40
N GLU D 52 24.33 30.65 13.13
CA GLU D 52 25.67 30.09 13.22
C GLU D 52 25.67 28.72 12.54
N ILE D 53 26.48 28.56 11.50
CA ILE D 53 26.59 27.29 10.81
C ILE D 53 27.55 26.35 11.51
N ARG D 54 27.05 25.16 11.84
CA ARG D 54 27.90 24.10 12.38
C ARG D 54 27.76 22.87 11.51
N LEU D 55 28.87 22.17 11.31
CA LEU D 55 28.84 20.91 10.59
C LEU D 55 28.43 19.81 11.58
N VAL D 56 27.39 19.06 11.22
CA VAL D 56 26.95 17.94 12.03
C VAL D 56 28.16 17.17 12.53
N GLU D 57 28.21 16.94 13.84
CA GLU D 57 29.41 16.36 14.45
C GLU D 57 29.74 14.95 13.96
N ASP D 58 28.76 14.05 14.01
CA ASP D 58 29.01 12.66 13.61
C ASP D 58 29.05 12.45 12.10
N GLY D 59 28.96 13.55 11.35
CA GLY D 59 29.09 13.51 9.90
C GLY D 59 28.03 12.69 9.18
N LYS D 60 26.88 12.54 9.81
CA LYS D 60 25.80 11.72 9.24
C LYS D 60 24.56 12.55 8.90
N TYR D 61 23.71 12.00 8.04
CA TYR D 61 22.46 12.65 7.69
C TYR D 61 21.35 12.32 8.67
N GLY D 62 21.05 11.03 8.83
CA GLY D 62 20.06 10.61 9.80
C GLY D 62 19.41 9.27 9.51
N ALA D 63 19.94 8.22 10.13
CA ALA D 63 19.35 6.90 10.05
C ALA D 63 18.97 6.43 11.45
N GLN D 64 18.00 5.53 11.53
CA GLN D 64 17.55 5.05 12.83
C GLN D 64 18.42 3.91 13.34
N GLN D 70 16.52 4.90 18.06
CA GLN D 70 17.75 5.68 18.19
C GLN D 70 18.20 6.28 16.84
N TRP D 71 18.38 7.60 16.82
CA TRP D 71 18.76 8.29 15.60
C TRP D 71 20.15 8.90 15.67
N ASN D 72 20.78 9.03 14.51
CA ASN D 72 22.10 9.66 14.41
C ASN D 72 22.07 10.84 13.45
N GLY D 73 23.19 11.55 13.36
CA GLY D 73 23.35 12.61 12.39
C GLY D 73 22.48 13.84 12.64
N MET D 74 22.17 14.55 11.55
CA MET D 74 21.41 15.78 11.62
C MET D 74 19.99 15.55 12.17
N VAL D 75 19.36 14.46 11.75
CA VAL D 75 18.05 14.13 12.29
C VAL D 75 18.13 14.15 13.82
N ARG D 76 19.13 13.45 14.36
CA ARG D 76 19.33 13.41 15.80
C ARG D 76 19.57 14.81 16.36
N GLU D 77 20.50 15.54 15.74
CA GLU D 77 20.79 16.91 16.16
C GLU D 77 19.50 17.69 16.39
N LEU D 78 18.54 17.52 15.48
CA LEU D 78 17.26 18.22 15.57
C LEU D 78 16.39 17.65 16.69
N ILE D 79 16.31 16.32 16.76
CA ILE D 79 15.51 15.67 17.80
C ILE D 79 15.91 16.14 19.20
N ASP D 80 17.22 16.33 19.39
CA ASP D 80 17.75 16.72 20.70
C ASP D 80 17.84 18.22 20.87
N HIS D 81 17.19 18.98 19.99
CA HIS D 81 17.22 20.43 20.06
C HIS D 81 18.65 20.99 20.19
N LYS D 82 19.59 20.36 19.52
CA LYS D 82 20.97 20.86 19.49
C LYS D 82 21.16 21.76 18.28
N ALA D 83 20.10 21.88 17.48
CA ALA D 83 20.07 22.80 16.35
C ALA D 83 18.63 23.25 16.09
N ASP D 84 18.47 24.38 15.42
CA ASP D 84 17.15 24.89 15.07
C ASP D 84 16.77 24.43 13.67
N LEU D 85 17.74 24.44 12.77
CA LEU D 85 17.50 24.09 11.38
C LEU D 85 18.56 23.13 10.86
N ALA D 86 18.13 22.16 10.05
CA ALA D 86 19.05 21.36 9.26
C ALA D 86 18.93 21.84 7.82
N VAL D 87 19.99 22.48 7.34
CA VAL D 87 19.98 23.01 5.98
C VAL D 87 21.03 22.28 5.15
N ALA D 88 20.60 21.26 4.42
CA ALA D 88 21.50 20.39 3.70
C ALA D 88 20.72 19.70 2.59
N PRO D 89 21.40 18.87 1.78
CA PRO D 89 20.59 18.08 0.85
C PRO D 89 19.96 16.92 1.59
N LEU D 90 19.05 17.23 2.51
CA LEU D 90 18.41 16.23 3.37
C LEU D 90 17.10 15.74 2.75
N ALA D 91 17.05 14.44 2.43
CA ALA D 91 15.88 13.86 1.79
C ALA D 91 14.69 13.78 2.75
N ILE D 92 13.55 14.30 2.29
CA ILE D 92 12.31 14.22 3.05
C ILE D 92 11.73 12.83 2.94
N THR D 93 11.85 12.04 4.00
CA THR D 93 11.39 10.65 3.94
C THR D 93 10.36 10.29 5.02
N TYR D 94 9.53 9.30 4.71
CA TYR D 94 8.52 8.76 5.62
C TYR D 94 9.06 8.62 7.04
N VAL D 95 10.14 7.85 7.19
CA VAL D 95 10.68 7.59 8.52
C VAL D 95 11.14 8.85 9.25
N ARG D 96 11.90 9.70 8.56
CA ARG D 96 12.38 10.93 9.16
C ARG D 96 11.24 11.86 9.59
N GLU D 97 10.25 12.03 8.71
CA GLU D 97 9.13 12.93 8.99
C GLU D 97 8.30 12.47 10.19
N LYS D 98 8.69 11.35 10.80
CA LYS D 98 7.99 10.87 11.98
C LYS D 98 8.65 11.35 13.25
N VAL D 99 9.91 11.77 13.15
CA VAL D 99 10.64 12.21 14.33
C VAL D 99 11.03 13.69 14.28
N ILE D 100 11.11 14.25 13.08
CA ILE D 100 11.31 15.68 12.90
C ILE D 100 10.31 16.21 11.89
N ASP D 101 10.29 17.53 11.70
CA ASP D 101 9.44 18.13 10.68
C ASP D 101 10.25 18.66 9.52
N PHE D 102 9.75 18.49 8.30
CA PHE D 102 10.40 19.09 7.15
C PHE D 102 9.60 20.29 6.68
N SER D 103 10.26 21.18 5.94
CA SER D 103 9.57 22.28 5.30
C SER D 103 9.11 21.82 3.92
N ALA D 104 8.46 22.71 3.19
CA ALA D 104 8.20 22.48 1.79
C ALA D 104 9.54 22.19 1.12
N PRO D 105 9.55 21.22 0.18
CA PRO D 105 10.78 20.87 -0.54
C PRO D 105 11.29 22.04 -1.39
N PHE D 106 12.59 22.32 -1.29
CA PHE D 106 13.23 23.33 -2.12
C PHE D 106 13.90 22.72 -3.33
N MET D 107 13.79 21.40 -3.48
CA MET D 107 14.37 20.72 -4.62
C MET D 107 13.78 19.32 -4.82
N THR D 108 13.57 18.97 -6.08
CA THR D 108 13.00 17.69 -6.44
C THR D 108 14.05 16.76 -7.05
N LEU D 109 13.99 15.48 -6.70
CA LEU D 109 14.96 14.51 -7.17
C LEU D 109 14.38 13.10 -7.16
N GLY D 110 15.26 12.11 -7.22
CA GLY D 110 14.88 10.72 -7.16
C GLY D 110 16.10 9.82 -7.17
N ILE D 111 15.98 8.66 -6.54
CA ILE D 111 17.04 7.67 -6.57
C ILE D 111 17.25 7.20 -8.01
N SER D 112 18.50 7.01 -8.40
CA SER D 112 18.81 6.46 -9.71
C SER D 112 20.17 5.77 -9.69
N ILE D 113 20.65 5.41 -10.88
CA ILE D 113 21.87 4.62 -10.98
C ILE D 113 23.00 5.38 -11.67
N LEU D 114 24.12 5.49 -10.98
CA LEU D 114 25.36 5.97 -11.58
C LEU D 114 26.15 4.76 -12.04
N TYR D 115 26.57 4.77 -13.31
CA TYR D 115 27.34 3.67 -13.86
C TYR D 115 28.19 4.16 -15.03
N ARG D 116 28.85 3.24 -15.72
CA ARG D 116 29.65 3.62 -16.89
C ARG D 116 28.80 3.59 -18.15
N LYS D 117 29.19 4.39 -19.14
CA LYS D 117 28.49 4.42 -20.43
C LYS D 117 28.84 3.20 -21.25
N GLY D 118 28.04 2.94 -22.28
CA GLY D 118 28.36 1.92 -23.26
C GLY D 118 27.77 0.54 -22.98
N THR D 119 27.54 0.25 -21.72
CA THR D 119 27.10 -1.08 -21.31
C THR D 119 25.66 -1.40 -21.73
N PRO D 120 25.24 -2.65 -21.56
CA PRO D 120 23.86 -3.08 -21.86
C PRO D 120 22.89 -2.74 -20.73
N ILE D 121 23.41 -2.67 -19.50
CA ILE D 121 22.58 -2.39 -18.33
C ILE D 121 21.72 -1.14 -18.56
N ASP D 122 20.42 -1.28 -18.38
CA ASP D 122 19.48 -0.22 -18.73
C ASP D 122 18.49 0.11 -17.61
N SER D 123 18.48 -0.71 -16.55
CA SER D 123 17.56 -0.48 -15.45
C SER D 123 17.99 -1.19 -14.17
N ALA D 124 17.39 -0.80 -13.05
CA ALA D 124 17.67 -1.41 -11.76
C ALA D 124 17.41 -2.92 -11.83
N ASP D 125 16.45 -3.32 -12.67
CA ASP D 125 16.12 -4.72 -12.86
C ASP D 125 17.28 -5.51 -13.47
N ASP D 126 17.92 -4.93 -14.48
CA ASP D 126 19.07 -5.55 -15.12
C ASP D 126 20.16 -5.85 -14.11
N LEU D 127 20.20 -5.06 -13.04
CA LEU D 127 21.17 -5.25 -11.97
C LEU D 127 20.69 -6.30 -10.98
N ALA D 128 19.42 -6.20 -10.60
CA ALA D 128 18.85 -7.12 -9.61
C ALA D 128 19.04 -8.58 -10.02
N LYS D 129 18.80 -8.87 -11.29
CA LYS D 129 18.79 -10.25 -11.77
C LYS D 129 20.18 -10.88 -11.94
N GLN D 130 21.23 -10.10 -11.69
CA GLN D 130 22.58 -10.62 -11.79
C GLN D 130 23.40 -10.34 -10.52
N THR D 131 24.66 -10.76 -10.53
CA THR D 131 25.56 -10.53 -9.39
C THR D 131 26.98 -10.20 -9.81
N LYS D 132 27.25 -10.25 -11.12
CA LYS D 132 28.57 -9.94 -11.65
C LYS D 132 28.92 -8.48 -11.34
N ILE D 133 28.06 -7.57 -11.77
CA ILE D 133 28.19 -6.16 -11.42
C ILE D 133 27.63 -5.94 -10.03
N GLU D 134 28.51 -5.71 -9.06
CA GLU D 134 28.08 -5.37 -7.72
C GLU D 134 27.45 -3.99 -7.74
N TYR D 135 26.64 -3.67 -6.73
CA TYR D 135 26.03 -2.35 -6.63
C TYR D 135 25.81 -1.98 -5.17
N GLY D 136 25.64 -0.70 -4.91
CA GLY D 136 25.47 -0.28 -3.52
C GLY D 136 24.91 1.11 -3.33
N ALA D 137 24.95 1.59 -2.08
CA ALA D 137 24.47 2.91 -1.75
C ALA D 137 25.30 3.48 -0.61
N VAL D 138 25.04 4.72 -0.23
CA VAL D 138 25.67 5.30 0.94
C VAL D 138 25.01 4.73 2.19
N GLU D 139 25.84 4.20 3.09
CA GLU D 139 25.35 3.56 4.32
C GLU D 139 24.55 4.52 5.19
N ASP D 140 23.40 4.07 5.66
CA ASP D 140 22.55 4.87 6.55
C ASP D 140 22.09 6.19 5.95
N GLY D 141 21.81 6.17 4.65
CA GLY D 141 21.26 7.33 3.98
C GLY D 141 19.85 7.01 3.51
N ALA D 142 19.17 8.00 2.94
CA ALA D 142 17.80 7.81 2.47
C ALA D 142 17.67 6.72 1.41
N THR D 143 18.66 6.59 0.55
CA THR D 143 18.64 5.59 -0.52
C THR D 143 18.64 4.16 0.06
N MET D 144 19.71 3.85 0.79
CA MET D 144 19.84 2.56 1.45
C MET D 144 18.57 2.23 2.23
N THR D 145 18.03 3.23 2.93
CA THR D 145 16.85 3.03 3.76
C THR D 145 15.64 2.74 2.89
N PHE D 146 15.61 3.35 1.71
CA PHE D 146 14.53 3.09 0.77
C PHE D 146 14.57 1.64 0.35
N PHE D 147 15.78 1.10 0.15
CA PHE D 147 15.90 -0.30 -0.24
C PHE D 147 15.60 -1.27 0.89
N LYS D 148 16.06 -0.92 2.09
CA LYS D 148 15.88 -1.74 3.27
C LYS D 148 14.41 -1.87 3.63
N LYS D 149 13.60 -0.92 3.16
CA LYS D 149 12.20 -0.86 3.54
C LYS D 149 11.27 -1.15 2.36
N SER D 150 11.83 -1.39 1.19
CA SER D 150 11.01 -1.62 0.01
C SER D 150 10.36 -3.00 0.02
N LYS D 151 9.10 -3.04 -0.37
CA LYS D 151 8.41 -4.30 -0.53
C LYS D 151 8.19 -4.57 -2.01
N ILE D 152 8.76 -3.70 -2.85
CA ILE D 152 8.78 -3.91 -4.28
C ILE D 152 9.76 -5.04 -4.61
N SER D 153 9.29 -6.04 -5.35
CA SER D 153 10.07 -7.24 -5.60
C SER D 153 11.54 -6.94 -5.96
N THR D 154 11.74 -6.19 -7.03
CA THR D 154 13.09 -5.85 -7.50
C THR D 154 13.98 -5.23 -6.42
N TYR D 155 13.46 -4.21 -5.75
CA TYR D 155 14.25 -3.45 -4.77
C TYR D 155 14.48 -4.25 -3.50
N ASP D 156 13.52 -5.10 -3.15
CA ASP D 156 13.69 -6.01 -2.03
C ASP D 156 14.82 -6.99 -2.32
N LYS D 157 14.87 -7.50 -3.56
CA LYS D 157 15.93 -8.40 -3.99
C LYS D 157 17.30 -7.69 -3.95
N MET D 158 17.34 -6.48 -4.50
CA MET D 158 18.57 -5.70 -4.50
C MET D 158 19.01 -5.40 -3.08
N TRP D 159 18.05 -5.29 -2.17
CA TRP D 159 18.38 -5.06 -0.76
C TRP D 159 18.89 -6.33 -0.08
N ALA D 160 18.40 -7.49 -0.53
CA ALA D 160 18.94 -8.74 -0.01
C ALA D 160 20.39 -8.87 -0.43
N PHE D 161 20.65 -8.58 -1.69
CA PHE D 161 22.01 -8.54 -2.21
C PHE D 161 22.89 -7.60 -1.37
N MET D 162 22.49 -6.33 -1.27
CA MET D 162 23.24 -5.33 -0.54
C MET D 162 23.51 -5.70 0.93
N SER D 163 22.46 -6.12 1.63
CA SER D 163 22.58 -6.48 3.03
C SER D 163 23.56 -7.63 3.20
N SER D 164 23.41 -8.67 2.38
CA SER D 164 24.31 -9.82 2.47
C SER D 164 25.78 -9.41 2.31
N ARG D 165 26.04 -8.53 1.35
CA ARG D 165 27.40 -8.10 1.06
C ARG D 165 27.71 -6.71 1.62
N ARG D 166 27.00 -6.33 2.67
CA ARG D 166 27.06 -4.98 3.23
C ARG D 166 28.47 -4.40 3.36
N GLN D 167 29.46 -5.27 3.55
CA GLN D 167 30.82 -4.84 3.83
C GLN D 167 31.52 -4.21 2.62
N SER D 168 31.29 -4.79 1.45
CA SER D 168 32.03 -4.39 0.25
C SER D 168 31.21 -3.66 -0.80
N VAL D 169 29.99 -3.26 -0.46
CA VAL D 169 29.13 -2.58 -1.42
C VAL D 169 28.51 -1.30 -0.87
N LEU D 170 28.40 -1.20 0.44
CA LEU D 170 27.90 0.04 1.05
C LEU D 170 29.07 0.95 1.41
N VAL D 171 28.93 2.24 1.10
CA VAL D 171 30.03 3.18 1.24
C VAL D 171 29.69 4.31 2.21
N LYS D 172 30.71 4.99 2.70
CA LYS D 172 30.53 6.04 3.69
C LYS D 172 30.10 7.38 3.09
N SER D 173 30.25 7.53 1.78
CA SER D 173 29.89 8.80 1.14
C SER D 173 29.68 8.66 -0.38
N ASN D 174 29.09 9.71 -0.96
CA ASN D 174 28.92 9.79 -2.41
C ASN D 174 30.24 9.64 -3.16
N GLU D 175 31.28 10.29 -2.64
CA GLU D 175 32.58 10.27 -3.29
C GLU D 175 33.15 8.85 -3.34
N GLU D 176 33.00 8.13 -2.24
CA GLU D 176 33.50 6.77 -2.14
C GLU D 176 32.76 5.86 -3.12
N GLY D 177 31.46 6.09 -3.25
CA GLY D 177 30.67 5.35 -4.22
C GLY D 177 31.19 5.61 -5.63
N ILE D 178 31.30 6.89 -5.97
CA ILE D 178 31.81 7.30 -7.27
C ILE D 178 33.14 6.63 -7.61
N GLN D 179 34.09 6.68 -6.68
CA GLN D 179 35.37 6.01 -6.90
C GLN D 179 35.22 4.50 -7.03
N ARG D 180 34.29 3.92 -6.29
CA ARG D 180 34.01 2.49 -6.41
C ARG D 180 33.63 2.18 -7.86
N VAL D 181 32.70 2.97 -8.39
CA VAL D 181 32.28 2.84 -9.78
C VAL D 181 33.45 3.00 -10.74
N LEU D 182 34.36 3.91 -10.41
CA LEU D 182 35.50 4.18 -11.30
C LEU D 182 36.66 3.20 -11.17
N THR D 183 36.66 2.39 -10.11
CA THR D 183 37.80 1.50 -9.85
C THR D 183 37.42 0.02 -9.82
N SER D 184 36.23 -0.31 -10.34
CA SER D 184 35.75 -1.69 -10.35
C SER D 184 34.41 -1.81 -11.05
N ASP D 185 33.90 -3.03 -11.16
CA ASP D 185 32.62 -3.28 -11.81
C ASP D 185 31.48 -3.08 -10.81
N TYR D 186 31.05 -1.83 -10.66
CA TYR D 186 30.18 -1.44 -9.57
C TYR D 186 29.19 -0.38 -10.05
N ALA D 187 27.93 -0.56 -9.68
CA ALA D 187 26.91 0.45 -9.94
C ALA D 187 26.51 1.11 -8.62
N PHE D 188 26.34 2.43 -8.65
CA PHE D 188 26.07 3.16 -7.44
C PHE D 188 24.69 3.79 -7.44
N LEU D 189 23.85 3.36 -6.51
CA LEU D 189 22.54 3.95 -6.31
C LEU D 189 22.70 5.29 -5.58
N MET D 190 22.24 6.34 -6.24
CA MET D 190 22.63 7.70 -5.91
C MET D 190 21.42 8.58 -6.14
N GLU D 191 21.46 9.82 -5.64
CA GLU D 191 20.35 10.72 -5.93
C GLU D 191 20.58 11.45 -7.27
N SER D 192 19.52 11.63 -8.04
CA SER D 192 19.64 12.07 -9.42
C SER D 192 20.33 13.43 -9.58
N THR D 193 20.09 14.34 -8.64
CA THR D 193 20.69 15.67 -8.71
C THR D 193 22.21 15.60 -8.56
N THR D 194 22.67 14.78 -7.61
CA THR D 194 24.08 14.56 -7.40
C THR D 194 24.73 13.91 -8.62
N ILE D 195 24.05 12.92 -9.22
CA ILE D 195 24.53 12.29 -10.45
C ILE D 195 24.67 13.33 -11.56
N GLU D 196 23.63 14.15 -11.68
CA GLU D 196 23.56 15.24 -12.63
C GLU D 196 24.77 16.14 -12.49
N PHE D 197 25.22 16.34 -11.25
CA PHE D 197 26.42 17.14 -11.01
C PHE D 197 27.71 16.41 -11.36
N VAL D 198 27.79 15.15 -10.92
CA VAL D 198 29.01 14.34 -11.04
C VAL D 198 29.39 13.99 -12.48
N THR D 199 28.40 13.69 -13.31
CA THR D 199 28.68 13.25 -14.67
C THR D 199 29.21 14.39 -15.54
N GLN D 200 29.36 15.56 -14.95
CA GLN D 200 29.90 16.70 -15.69
C GLN D 200 31.42 16.80 -15.52
N ARG D 201 31.95 16.10 -14.52
CA ARG D 201 33.40 16.06 -14.32
C ARG D 201 33.98 14.65 -14.52
N ASN D 202 33.16 13.76 -15.05
CA ASN D 202 33.58 12.40 -15.39
C ASN D 202 32.86 11.93 -16.65
N CYS D 203 33.60 11.86 -17.76
CA CYS D 203 33.00 11.71 -19.08
C CYS D 203 32.48 10.31 -19.42
N ASN D 204 32.84 9.30 -18.63
CA ASN D 204 32.34 7.96 -18.90
C ASN D 204 31.25 7.52 -17.91
N LEU D 205 30.90 8.42 -17.00
CA LEU D 205 29.81 8.14 -16.06
C LEU D 205 28.48 8.57 -16.66
N THR D 206 27.40 7.95 -16.20
CA THR D 206 26.09 8.22 -16.75
C THR D 206 24.99 7.68 -15.84
N GLN D 207 23.78 8.17 -16.06
CA GLN D 207 22.61 7.67 -15.36
C GLN D 207 22.03 6.50 -16.13
N ILE D 208 21.67 5.45 -15.39
CA ILE D 208 21.06 4.26 -15.96
C ILE D 208 19.61 4.22 -15.57
N GLY D 209 18.73 4.25 -16.57
CA GLY D 209 17.30 4.23 -16.32
C GLY D 209 16.80 5.57 -15.83
N GLY D 210 15.54 5.61 -15.38
CA GLY D 210 14.96 6.83 -14.89
C GLY D 210 15.03 6.94 -13.38
N LEU D 211 14.16 7.74 -12.81
CA LEU D 211 14.07 7.87 -11.35
C LEU D 211 13.37 6.66 -10.75
N ILE D 212 14.04 6.02 -9.79
CA ILE D 212 13.47 4.86 -9.11
C ILE D 212 12.37 5.26 -8.13
N ASP D 213 12.45 6.48 -7.62
CA ASP D 213 11.35 7.05 -6.83
C ASP D 213 11.21 8.55 -7.10
N SER D 214 10.59 9.25 -6.17
CA SER D 214 10.31 10.67 -6.35
C SER D 214 10.24 11.36 -4.99
N LYS D 215 11.28 12.11 -4.66
CA LYS D 215 11.40 12.74 -3.35
C LYS D 215 11.94 14.15 -3.48
N GLY D 216 11.94 14.89 -2.37
CA GLY D 216 12.45 16.24 -2.35
C GLY D 216 13.41 16.47 -1.21
N TYR D 217 14.06 17.63 -1.20
CA TYR D 217 14.92 18.04 -0.09
C TYR D 217 14.21 19.15 0.68
N GLY D 218 14.25 19.08 2.00
CA GLY D 218 13.65 20.12 2.81
C GLY D 218 14.58 20.59 3.91
N VAL D 219 14.29 21.77 4.44
CA VAL D 219 14.91 22.21 5.67
C VAL D 219 14.24 21.44 6.81
N GLY D 220 15.05 20.75 7.62
CA GLY D 220 14.53 20.02 8.76
C GLY D 220 14.53 20.85 10.03
N THR D 221 13.44 20.75 10.78
CA THR D 221 13.29 21.42 12.06
C THR D 221 12.85 20.40 13.09
N PRO D 222 13.21 20.63 14.36
CA PRO D 222 12.69 19.77 15.43
C PRO D 222 11.17 19.65 15.31
N MET D 223 10.64 18.50 15.72
CA MET D 223 9.20 18.31 15.77
C MET D 223 8.58 19.37 16.68
N GLY D 224 7.60 20.11 16.14
CA GLY D 224 6.93 21.14 16.90
C GLY D 224 7.40 22.55 16.56
N SER D 225 8.56 22.64 15.93
CA SER D 225 9.18 23.92 15.59
C SER D 225 8.28 24.86 14.78
N PRO D 226 8.24 26.14 15.17
CA PRO D 226 7.49 27.18 14.44
C PRO D 226 8.18 27.59 13.14
N TYR D 227 9.44 27.20 12.98
CA TYR D 227 10.20 27.62 11.80
C TYR D 227 9.93 26.73 10.60
N ARG D 228 9.19 25.65 10.82
CA ARG D 228 8.77 24.77 9.74
C ARG D 228 7.90 25.55 8.77
N ASP D 229 6.87 26.19 9.32
CA ASP D 229 5.93 26.95 8.52
C ASP D 229 6.57 28.18 7.88
N LYS D 230 7.17 29.02 8.70
CA LYS D 230 7.83 30.23 8.22
C LYS D 230 8.81 29.89 7.10
N ILE D 231 9.69 28.94 7.36
CA ILE D 231 10.68 28.55 6.38
C ILE D 231 10.06 27.96 5.11
N GLY D 232 8.97 27.19 5.27
CA GLY D 232 8.27 26.65 4.12
C GLY D 232 7.72 27.75 3.23
N ILE D 233 7.08 28.73 3.87
CA ILE D 233 6.56 29.89 3.18
C ILE D 233 7.67 30.58 2.41
N ALA D 234 8.79 30.81 3.09
CA ALA D 234 9.95 31.43 2.46
C ALA D 234 10.42 30.63 1.23
N ILE D 235 10.44 29.31 1.37
CA ILE D 235 10.87 28.45 0.28
C ILE D 235 9.95 28.58 -0.93
N LEU D 236 8.64 28.58 -0.68
CA LEU D 236 7.68 28.72 -1.75
C LEU D 236 7.84 30.08 -2.43
N GLN D 237 8.13 31.10 -1.63
CA GLN D 237 8.31 32.44 -2.16
C GLN D 237 9.53 32.48 -3.08
N LEU D 238 10.61 31.85 -2.65
CA LEU D 238 11.79 31.71 -3.48
C LEU D 238 11.48 30.94 -4.77
N GLN D 239 10.68 29.89 -4.63
CA GLN D 239 10.27 29.07 -5.77
C GLN D 239 9.60 29.96 -6.81
N GLU D 240 8.56 30.66 -6.39
CA GLU D 240 7.75 31.46 -7.29
C GLU D 240 8.52 32.59 -7.98
N GLU D 241 9.42 33.26 -7.25
CA GLU D 241 10.20 34.33 -7.88
C GLU D 241 11.40 33.81 -8.69
N GLY D 242 11.48 32.49 -8.83
CA GLY D 242 12.46 31.86 -9.69
C GLY D 242 13.87 31.87 -9.13
N LYS D 243 14.00 32.17 -7.85
CA LYS D 243 15.32 32.28 -7.23
C LYS D 243 15.99 30.93 -6.98
N LEU D 244 15.19 29.93 -6.60
CA LEU D 244 15.73 28.58 -6.39
C LEU D 244 16.27 28.03 -7.70
N HIS D 245 15.53 28.28 -8.78
CA HIS D 245 15.96 27.84 -10.10
C HIS D 245 17.29 28.48 -10.46
N MET D 246 17.40 29.78 -10.22
CA MET D 246 18.64 30.50 -10.50
C MET D 246 19.80 29.95 -9.69
N MET D 247 19.54 29.61 -8.43
CA MET D 247 20.56 29.00 -7.60
C MET D 247 21.02 27.65 -8.16
N LYS D 248 20.06 26.85 -8.63
CA LYS D 248 20.39 25.58 -9.28
C LYS D 248 21.29 25.83 -10.49
N GLU D 249 20.85 26.72 -11.37
CA GLU D 249 21.64 27.12 -12.54
C GLU D 249 23.06 27.48 -12.14
N LYS D 250 23.17 28.23 -11.05
CA LYS D 250 24.45 28.76 -10.60
C LYS D 250 25.40 27.68 -10.09
N TRP D 251 24.90 26.77 -9.26
CA TRP D 251 25.76 25.83 -8.59
C TRP D 251 26.04 24.53 -9.35
N TRP D 252 25.33 24.33 -10.46
CA TRP D 252 25.46 23.11 -11.24
C TRP D 252 26.22 23.33 -12.54
N ARG D 253 27.39 23.96 -12.45
CA ARG D 253 28.24 24.17 -13.61
C ARG D 253 29.67 23.69 -13.34
N CYS D 257 31.85 18.42 -20.47
CA CYS D 257 31.93 16.98 -20.62
C CYS D 257 30.87 16.45 -21.58
N KAI E . -16.52 -19.25 -7.44
CD KAI E . -17.18 -18.42 -8.47
CD1 KAI E . -19.15 -17.31 -10.15
CD2 KAI E . -19.69 -19.56 -11.15
CA KAI E . -17.01 -20.62 -7.57
CB KAI E . -18.21 -20.58 -8.48
CB1 KAI E . -19.51 -20.36 -7.72
CG KAI E . -17.96 -19.38 -9.36
CG1 KAI E . -19.88 -21.55 -6.89
CG2 KAI E . -19.26 -18.80 -9.90
C KAI E . -15.92 -21.47 -8.17
O KAI E . -14.73 -21.22 -7.96
OD1 KAI E . -20.70 -21.40 -5.96
OD2 KAI E . -19.35 -22.66 -7.16
OXT KAI E . -16.18 -22.44 -8.88
NA NA F . -1.01 -27.36 -7.34
N KAI G . 1.72 -18.37 16.45
CD KAI G . 2.20 -19.09 17.66
CD1 KAI G . 2.56 -19.53 20.35
CD2 KAI G . 4.58 -18.02 20.44
CA KAI G . 2.45 -17.10 16.37
CB KAI G . 2.99 -16.83 17.76
CB1 KAI G . 1.98 -16.13 18.65
CG KAI G . 3.25 -18.21 18.31
CG1 KAI G . 1.82 -14.68 18.29
CG2 KAI G . 3.20 -18.24 19.83
C KAI G . 3.55 -17.26 15.37
O KAI G . 3.41 -17.96 14.37
OD1 KAI G . 0.70 -14.13 18.50
OD2 KAI G . 2.80 -14.07 17.81
OXT KAI G . 4.64 -16.71 15.53
NA NA H . 8.39 -19.12 0.09
N KAI I . -5.43 23.84 -9.20
CD KAI I . -6.80 23.44 -9.60
CD1 KAI I . -9.03 23.22 -11.17
CD2 KAI I . -9.70 25.63 -10.82
CA KAI I . -5.35 25.30 -9.25
CB KAI I . -6.53 25.77 -10.09
CB1 KAI I . -6.21 25.74 -11.57
CG KAI I . -7.58 24.73 -9.82
CG1 KAI I . -5.35 26.90 -12.02
CG2 KAI I . -8.54 24.63 -10.99
C KAI I . -5.44 25.84 -7.85
O KAI I . -5.17 25.14 -6.88
OD1 KAI I . -5.06 26.97 -13.23
OD2 KAI I . -4.97 27.75 -11.18
OXT KAI I . -5.79 27.00 -7.64
NA NA J . 0.70 27.44 6.79
N KAI K . 21.13 12.91 0.66
CD KAI K . 22.57 13.21 0.71
CD1 KAI K . 25.36 12.96 0.53
CD2 KAI K . 25.41 10.99 2.08
CA KAI K . 20.90 11.56 1.16
CB KAI K . 22.26 10.92 1.39
CB1 KAI K . 22.70 10.04 0.23
CG KAI K . 23.21 12.08 1.51
CG1 KAI K . 21.72 8.93 -0.04
CG2 KAI K . 24.61 11.73 1.02
C KAI K . 20.11 11.64 2.43
O KAI K . 19.20 12.45 2.57
OD1 KAI K . 21.42 8.69 -1.24
OD2 KAI K . 21.24 8.30 0.93
OXT KAI K . 20.35 10.89 3.38
N GLU L . 20.73 12.74 0.56
CA GLU L . 20.62 11.50 1.32
C GLU L . 19.94 11.74 2.67
O GLU L . 19.09 12.63 2.80
CB GLU L . 22.01 10.89 1.54
CG GLU L . 22.63 10.30 0.29
CD GLU L . 21.88 9.08 -0.21
OE1 GLU L . 21.24 8.40 0.62
OE2 GLU L . 21.92 8.81 -1.43
OXT GLU L . 20.20 11.04 3.64
NA NA M . 7.25 15.21 11.63
#